data_2PG1
#
_entry.id   2PG1
#
_cell.length_a   116.969
_cell.length_b   119.870
_cell.length_c   211.702
_cell.angle_alpha   90.000
_cell.angle_beta   90.000
_cell.angle_gamma   90.000
#
_symmetry.space_group_name_H-M   'C 2 2 21'
#
loop_
_entity.id
_entity.type
_entity.pdbx_description
1 polymer 'Dynein light chain 1, cytoplasmic'
2 polymer 'Dynein light chain Tctex-type'
3 polymer 'Cytoplasmic dynein 1 intermediate chain 2'
4 non-polymer 'SULFATE ION'
5 water water
#
loop_
_entity_poly.entity_id
_entity_poly.type
_entity_poly.pdbx_seq_one_letter_code
_entity_poly.pdbx_strand_id
1 'polypeptide(L)'
;MDMSDRKAVIKNADMSEEMQQDAVDCATQALEKYNIEKDIAAYIKKEFDKKYNPTWHCIVGRNFGSYVTHETRHFIYFYL
GQVAILLFKSG
;
A,B,C,D
2 'polypeptide(L)'
;MDDSREESQFIVDDVSKTIKEAIETTIGGNAYQHDKVNNWTGQVVENCLTVLTKEQKPYKYIVTA(MSE)I(MSE)QKNG
AGLHTASSCYWNNDTDGSCTVRWENKT(MSE)YCIVSVFGLAV
;
E,F,G,H
3 'polypeptide(L)' GRGPIKLGMAKITQVDFPPREIVTYTKETQTPV I,J,K,L
#
# COMPACT_ATOMS: atom_id res chain seq x y z
N LYS A 7 51.07 -40.12 15.35
CA LYS A 7 51.43 -39.97 13.91
C LYS A 7 50.22 -39.55 13.05
N ALA A 8 50.36 -38.43 12.34
CA ALA A 8 49.29 -37.91 11.49
C ALA A 8 49.52 -38.32 10.03
N VAL A 9 48.47 -38.77 9.38
CA VAL A 9 48.59 -39.18 7.99
C VAL A 9 47.53 -38.50 7.14
N ILE A 10 47.93 -37.52 6.35
CA ILE A 10 47.00 -36.81 5.48
C ILE A 10 46.71 -37.65 4.24
N LYS A 11 45.60 -38.38 4.27
CA LYS A 11 45.23 -39.23 3.14
C LYS A 11 44.79 -38.43 1.91
N ASN A 12 43.77 -37.59 2.08
CA ASN A 12 43.26 -36.78 0.98
C ASN A 12 42.96 -35.38 1.49
N ALA A 13 43.68 -34.40 0.99
CA ALA A 13 43.46 -33.04 1.45
C ALA A 13 43.35 -32.00 0.35
N ASP A 14 42.67 -30.91 0.66
CA ASP A 14 42.49 -29.82 -0.27
C ASP A 14 42.29 -28.55 0.54
N MET A 15 43.37 -28.07 1.15
CA MET A 15 43.29 -26.87 1.94
C MET A 15 44.67 -26.31 2.30
N SER A 16 44.66 -25.03 2.65
CA SER A 16 45.87 -24.31 3.02
C SER A 16 46.80 -25.21 3.81
N GLU A 17 48.08 -25.16 3.51
CA GLU A 17 49.03 -25.98 4.24
C GLU A 17 48.91 -25.58 5.70
N GLU A 18 48.70 -24.29 5.95
CA GLU A 18 48.55 -23.80 7.31
C GLU A 18 47.28 -24.33 7.92
N MET A 19 46.21 -24.31 7.14
CA MET A 19 44.91 -24.76 7.60
C MET A 19 44.95 -26.28 7.87
N GLN A 20 45.77 -27.02 7.14
CA GLN A 20 45.87 -28.45 7.37
C GLN A 20 46.47 -28.70 8.74
N GLN A 21 47.58 -28.02 9.02
CA GLN A 21 48.25 -28.16 10.29
C GLN A 21 47.24 -27.83 11.38
N ASP A 22 46.58 -26.70 11.21
CA ASP A 22 45.58 -26.23 12.14
C ASP A 22 44.58 -27.34 12.42
N ALA A 23 44.23 -28.08 11.38
CA ALA A 23 43.29 -29.18 11.49
C ALA A 23 43.88 -30.26 12.39
N VAL A 24 45.04 -30.79 12.03
CA VAL A 24 45.70 -31.84 12.80
C VAL A 24 45.88 -31.46 14.28
N ASP A 25 46.29 -30.24 14.55
CA ASP A 25 46.47 -29.78 15.92
C ASP A 25 45.16 -29.97 16.67
N CYS A 26 44.13 -29.25 16.22
CA CYS A 26 42.81 -29.29 16.84
C CYS A 26 42.31 -30.72 17.06
N ALA A 27 42.58 -31.60 16.10
CA ALA A 27 42.16 -32.98 16.20
C ALA A 27 42.86 -33.66 17.38
N THR A 28 44.17 -33.49 17.46
CA THR A 28 44.95 -34.08 18.54
C THR A 28 44.35 -33.65 19.87
N GLN A 29 44.22 -32.34 20.07
CA GLN A 29 43.67 -31.85 21.32
C GLN A 29 42.31 -32.45 21.62
N ALA A 30 41.48 -32.56 20.58
CA ALA A 30 40.14 -33.12 20.75
C ALA A 30 40.26 -34.53 21.31
N LEU A 31 41.11 -35.34 20.67
CA LEU A 31 41.32 -36.72 21.07
C LEU A 31 41.79 -36.93 22.50
N GLU A 32 42.38 -35.89 23.09
CA GLU A 32 42.85 -36.01 24.47
C GLU A 32 42.01 -35.18 25.41
N LYS A 33 40.76 -34.98 25.04
CA LYS A 33 39.83 -34.23 25.88
C LYS A 33 38.55 -35.03 25.94
N TYR A 34 38.29 -35.80 24.88
CA TYR A 34 37.09 -36.63 24.78
C TYR A 34 37.41 -38.01 24.29
N ASN A 35 36.56 -38.96 24.65
CA ASN A 35 36.74 -40.36 24.24
C ASN A 35 35.63 -40.71 23.26
N ILE A 36 34.52 -39.99 23.34
CA ILE A 36 33.38 -40.25 22.44
C ILE A 36 33.61 -39.56 21.10
N GLU A 37 33.58 -40.34 20.02
CA GLU A 37 33.80 -39.78 18.69
C GLU A 37 32.92 -38.58 18.44
N LYS A 38 31.64 -38.73 18.74
CA LYS A 38 30.65 -37.67 18.58
C LYS A 38 31.15 -36.35 19.15
N ASP A 39 31.74 -36.38 20.34
CA ASP A 39 32.25 -35.17 20.97
C ASP A 39 33.54 -34.73 20.32
N ILE A 40 34.30 -35.70 19.82
CA ILE A 40 35.56 -35.39 19.16
C ILE A 40 35.23 -34.48 17.99
N ALA A 41 34.27 -34.92 17.17
CA ALA A 41 33.84 -34.15 16.02
C ALA A 41 33.46 -32.74 16.46
N ALA A 42 32.51 -32.65 17.38
CA ALA A 42 32.05 -31.36 17.87
C ALA A 42 33.17 -30.39 18.17
N TYR A 43 34.18 -30.84 18.90
CA TYR A 43 35.30 -29.99 19.24
C TYR A 43 35.93 -29.37 17.99
N ILE A 44 36.24 -30.23 17.03
CA ILE A 44 36.87 -29.82 15.79
C ILE A 44 36.00 -28.87 14.96
N LYS A 45 34.79 -29.31 14.67
CA LYS A 45 33.85 -28.53 13.89
C LYS A 45 33.66 -27.12 14.46
N LYS A 46 33.63 -27.02 15.77
CA LYS A 46 33.44 -25.72 16.40
C LYS A 46 34.61 -24.78 16.26
N GLU A 47 35.82 -25.33 16.19
CA GLU A 47 36.99 -24.48 16.06
C GLU A 47 37.06 -23.88 14.68
N PHE A 48 36.66 -24.66 13.69
CA PHE A 48 36.69 -24.17 12.33
C PHE A 48 35.54 -23.25 12.00
N ASP A 49 34.45 -23.35 12.73
CA ASP A 49 33.35 -22.46 12.44
C ASP A 49 33.73 -21.12 13.04
N LYS A 50 34.55 -21.18 14.07
CA LYS A 50 34.97 -19.99 14.78
C LYS A 50 36.11 -19.25 14.09
N LYS A 51 37.21 -19.97 13.85
CA LYS A 51 38.39 -19.39 13.25
C LYS A 51 38.35 -19.31 11.73
N TYR A 52 37.43 -20.01 11.10
CA TYR A 52 37.37 -19.97 9.64
C TYR A 52 35.99 -19.79 9.06
N ASN A 53 35.05 -19.35 9.89
CA ASN A 53 33.67 -19.09 9.52
C ASN A 53 32.87 -20.36 9.26
N PRO A 54 31.56 -20.28 9.45
CA PRO A 54 30.70 -21.43 9.21
C PRO A 54 30.68 -21.60 7.68
N THR A 55 30.18 -22.73 7.17
CA THR A 55 29.66 -23.85 7.99
C THR A 55 30.48 -25.12 7.80
N TRP A 56 31.14 -25.58 8.87
CA TRP A 56 31.98 -26.77 8.81
C TRP A 56 31.27 -28.01 9.32
N HIS A 57 31.74 -29.18 8.87
CA HIS A 57 31.15 -30.48 9.25
C HIS A 57 32.28 -31.46 9.53
N CYS A 58 32.19 -32.18 10.65
CA CYS A 58 33.22 -33.16 11.01
C CYS A 58 32.69 -34.55 11.32
N ILE A 59 33.41 -35.56 10.84
CA ILE A 59 33.04 -36.96 11.07
C ILE A 59 34.25 -37.65 11.62
N VAL A 60 34.17 -38.12 12.86
CA VAL A 60 35.30 -38.81 13.49
C VAL A 60 35.00 -40.27 13.79
N GLY A 61 35.64 -41.19 13.09
CA GLY A 61 35.39 -42.60 13.33
C GLY A 61 36.53 -43.55 13.00
N ARG A 62 36.28 -44.85 13.12
CA ARG A 62 37.32 -45.84 12.84
C ARG A 62 36.89 -46.74 11.72
N ASN A 63 35.66 -46.56 11.25
CA ASN A 63 35.14 -47.39 10.18
C ASN A 63 33.94 -46.74 9.50
N PHE A 64 34.16 -46.10 8.35
CA PHE A 64 33.08 -45.45 7.63
C PHE A 64 33.45 -44.99 6.23
N GLY A 65 32.44 -44.89 5.37
CA GLY A 65 32.67 -44.46 4.01
C GLY A 65 31.78 -43.26 3.78
N SER A 66 32.16 -42.37 2.87
CA SER A 66 31.35 -41.19 2.61
C SER A 66 31.51 -40.66 1.20
N TYR A 67 30.61 -39.75 0.86
CA TYR A 67 30.58 -39.09 -0.44
C TYR A 67 29.91 -37.76 -0.18
N VAL A 68 30.72 -36.71 -0.01
CA VAL A 68 30.24 -35.38 0.29
C VAL A 68 30.67 -34.35 -0.73
N THR A 69 30.03 -33.19 -0.70
CA THR A 69 30.37 -32.08 -1.58
C THR A 69 30.95 -30.97 -0.70
N HIS A 70 31.89 -30.19 -1.23
CA HIS A 70 32.50 -29.12 -0.42
C HIS A 70 33.01 -27.93 -1.26
N GLU A 71 33.33 -26.83 -0.57
CA GLU A 71 33.84 -25.63 -1.22
C GLU A 71 35.32 -25.88 -1.47
N THR A 72 35.86 -25.32 -2.55
CA THR A 72 37.28 -25.52 -2.84
C THR A 72 38.14 -25.13 -1.66
N ARG A 73 39.32 -25.73 -1.57
CA ARG A 73 40.25 -25.39 -0.52
C ARG A 73 39.74 -25.62 0.89
N HIS A 74 38.56 -26.20 1.03
CA HIS A 74 38.02 -26.43 2.36
C HIS A 74 37.61 -27.89 2.59
N PHE A 75 38.61 -28.76 2.52
CA PHE A 75 38.39 -30.19 2.71
C PHE A 75 39.67 -30.84 3.17
N ILE A 76 39.53 -31.92 3.92
CA ILE A 76 40.67 -32.66 4.43
C ILE A 76 40.20 -33.96 5.06
N TYR A 77 40.92 -35.03 4.77
CA TYR A 77 40.60 -36.34 5.32
C TYR A 77 41.89 -36.96 5.78
N PHE A 78 42.23 -36.75 7.04
CA PHE A 78 43.47 -37.27 7.59
C PHE A 78 43.25 -38.23 8.75
N TYR A 79 44.14 -39.21 8.88
CA TYR A 79 44.06 -40.18 9.97
C TYR A 79 44.98 -39.74 11.08
N LEU A 80 44.56 -39.96 12.31
CA LEU A 80 45.37 -39.61 13.45
C LEU A 80 45.36 -40.88 14.27
N GLY A 81 46.36 -41.72 14.03
CA GLY A 81 46.43 -42.99 14.72
C GLY A 81 45.48 -43.91 13.98
N GLN A 82 44.66 -44.62 14.74
CA GLN A 82 43.69 -45.55 14.17
C GLN A 82 42.42 -44.79 13.79
N VAL A 83 42.29 -43.58 14.32
CA VAL A 83 41.12 -42.74 14.10
C VAL A 83 41.13 -41.93 12.80
N ALA A 84 40.00 -41.91 12.11
CA ALA A 84 39.89 -41.16 10.85
C ALA A 84 39.06 -39.87 11.05
N ILE A 85 39.55 -38.76 10.50
CA ILE A 85 38.86 -37.48 10.62
C ILE A 85 38.51 -36.86 9.28
N LEU A 86 37.22 -36.58 9.11
CA LEU A 86 36.69 -35.96 7.91
C LEU A 86 36.17 -34.58 8.32
N LEU A 87 36.79 -33.53 7.80
CA LEU A 87 36.43 -32.16 8.15
C LEU A 87 36.34 -31.29 6.92
N PHE A 88 35.13 -31.07 6.43
CA PHE A 88 34.96 -30.24 5.24
C PHE A 88 33.95 -29.11 5.45
N LYS A 89 34.00 -28.15 4.56
CA LYS A 89 33.10 -27.01 4.62
C LYS A 89 32.12 -27.01 3.47
N SER A 90 30.88 -26.73 3.80
CA SER A 90 29.83 -26.68 2.80
C SER A 90 28.73 -25.80 3.39
N GLY A 91 28.83 -24.50 3.12
CA GLY A 91 27.83 -23.57 3.63
C GLY A 91 26.44 -23.99 3.22
N LYS B 7 12.20 -53.06 9.01
CA LYS B 7 13.57 -53.31 8.45
C LYS B 7 14.56 -52.27 8.95
N ALA B 8 14.26 -51.00 8.71
CA ALA B 8 15.16 -49.93 9.12
C ALA B 8 14.76 -49.30 10.43
N VAL B 9 15.72 -48.66 11.08
CA VAL B 9 15.44 -47.99 12.34
C VAL B 9 15.86 -46.54 12.26
N ILE B 10 14.91 -45.63 12.31
CA ILE B 10 15.24 -44.22 12.24
C ILE B 10 15.67 -43.78 13.64
N LYS B 11 16.93 -43.42 13.79
CA LYS B 11 17.43 -43.00 15.08
C LYS B 11 17.05 -41.56 15.37
N ASN B 12 17.43 -40.67 14.46
CA ASN B 12 17.16 -39.24 14.62
C ASN B 12 16.78 -38.67 13.28
N ALA B 13 15.74 -37.84 13.24
CA ALA B 13 15.35 -37.28 11.95
C ALA B 13 14.59 -35.94 12.00
N ASP B 14 14.74 -35.19 10.91
CA ASP B 14 14.06 -33.92 10.70
C ASP B 14 13.85 -33.92 9.19
N MET B 15 12.84 -34.66 8.76
CA MET B 15 12.54 -34.81 7.35
C MET B 15 11.12 -35.33 7.25
N SER B 16 10.41 -34.97 6.17
CA SER B 16 9.03 -35.44 6.02
C SER B 16 9.00 -36.97 6.04
N GLU B 17 7.82 -37.55 6.18
CA GLU B 17 7.69 -39.00 6.24
C GLU B 17 7.98 -39.65 4.91
N GLU B 18 7.44 -39.08 3.84
CA GLU B 18 7.65 -39.65 2.52
C GLU B 18 9.14 -39.57 2.16
N MET B 19 9.77 -38.45 2.46
CA MET B 19 11.18 -38.30 2.16
C MET B 19 12.00 -39.31 2.99
N GLN B 20 11.55 -39.57 4.22
CA GLN B 20 12.22 -40.53 5.08
C GLN B 20 12.12 -41.91 4.43
N GLN B 21 10.90 -42.26 4.00
CA GLN B 21 10.64 -43.54 3.36
C GLN B 21 11.56 -43.67 2.15
N ASP B 22 11.64 -42.59 1.39
CA ASP B 22 12.49 -42.53 0.20
C ASP B 22 13.94 -42.80 0.54
N ALA B 23 14.40 -42.28 1.67
CA ALA B 23 15.79 -42.46 2.08
C ALA B 23 16.04 -43.93 2.40
N VAL B 24 15.04 -44.57 2.99
CA VAL B 24 15.18 -45.97 3.33
C VAL B 24 15.18 -46.78 2.05
N ASP B 25 14.21 -46.52 1.19
CA ASP B 25 14.11 -47.22 -0.08
C ASP B 25 15.43 -47.13 -0.84
N CYS B 26 15.93 -45.91 -1.00
CA CYS B 26 17.18 -45.69 -1.72
C CYS B 26 18.33 -46.44 -1.06
N ALA B 27 18.39 -46.44 0.25
CA ALA B 27 19.47 -47.13 0.96
C ALA B 27 19.34 -48.64 0.80
N THR B 28 18.11 -49.12 0.82
CA THR B 28 17.86 -50.55 0.68
C THR B 28 18.50 -51.06 -0.61
N GLN B 29 18.23 -50.36 -1.70
CA GLN B 29 18.76 -50.76 -2.98
C GLN B 29 20.26 -50.57 -3.08
N ALA B 30 20.78 -49.54 -2.43
CA ALA B 30 22.21 -49.25 -2.46
C ALA B 30 22.96 -50.41 -1.84
N LEU B 31 22.37 -51.05 -0.84
CA LEU B 31 23.01 -52.17 -0.18
C LEU B 31 22.99 -53.41 -1.05
N GLU B 32 21.96 -53.53 -1.88
CA GLU B 32 21.80 -54.69 -2.76
C GLU B 32 22.78 -54.63 -3.94
N LYS B 33 23.39 -53.48 -4.15
CA LYS B 33 24.32 -53.33 -5.26
C LYS B 33 25.75 -53.05 -4.87
N TYR B 34 25.99 -52.70 -3.60
CA TYR B 34 27.36 -52.41 -3.21
C TYR B 34 27.77 -53.01 -1.88
N ASN B 35 29.08 -53.14 -1.68
CA ASN B 35 29.60 -53.75 -0.48
C ASN B 35 30.42 -52.78 0.35
N ILE B 36 31.24 -51.96 -0.30
CA ILE B 36 32.05 -51.00 0.41
C ILE B 36 31.21 -49.82 0.85
N GLU B 37 31.48 -49.34 2.07
CA GLU B 37 30.74 -48.22 2.63
C GLU B 37 30.71 -46.99 1.73
N LYS B 38 31.88 -46.53 1.31
CA LYS B 38 31.97 -45.34 0.45
C LYS B 38 31.06 -45.39 -0.80
N ASP B 39 30.78 -46.58 -1.28
CA ASP B 39 29.95 -46.74 -2.46
C ASP B 39 28.48 -46.62 -2.17
N ILE B 40 28.09 -47.12 -1.00
CA ILE B 40 26.69 -47.06 -0.58
C ILE B 40 26.30 -45.60 -0.46
N ALA B 41 27.22 -44.83 0.10
CA ALA B 41 27.02 -43.40 0.30
C ALA B 41 26.76 -42.71 -1.03
N ALA B 42 27.66 -42.93 -1.99
CA ALA B 42 27.54 -42.34 -3.31
C ALA B 42 26.20 -42.60 -3.94
N TYR B 43 25.76 -43.86 -3.93
CA TYR B 43 24.49 -44.18 -4.54
C TYR B 43 23.39 -43.33 -3.94
N ILE B 44 23.44 -43.21 -2.62
CA ILE B 44 22.47 -42.42 -1.87
C ILE B 44 22.60 -40.92 -2.20
N LYS B 45 23.80 -40.37 -1.96
CA LYS B 45 24.09 -38.96 -2.22
C LYS B 45 23.70 -38.51 -3.62
N LYS B 46 24.05 -39.30 -4.62
CA LYS B 46 23.75 -38.99 -6.01
C LYS B 46 22.24 -39.07 -6.22
N GLU B 47 21.63 -40.10 -5.66
CA GLU B 47 20.20 -40.26 -5.84
C GLU B 47 19.41 -39.08 -5.28
N PHE B 48 19.80 -38.61 -4.11
CA PHE B 48 19.10 -37.49 -3.50
C PHE B 48 19.34 -36.20 -4.23
N ASP B 49 20.58 -35.95 -4.61
CA ASP B 49 20.92 -34.75 -5.34
C ASP B 49 20.03 -34.59 -6.57
N LYS B 50 19.74 -35.70 -7.23
CA LYS B 50 18.91 -35.69 -8.43
C LYS B 50 17.44 -35.41 -8.15
N LYS B 51 16.82 -36.27 -7.34
CA LYS B 51 15.41 -36.14 -7.01
C LYS B 51 15.04 -34.99 -6.06
N TYR B 52 15.85 -34.72 -5.06
CA TYR B 52 15.55 -33.65 -4.12
C TYR B 52 16.47 -32.43 -4.16
N ASN B 53 17.33 -32.35 -5.18
CA ASN B 53 18.26 -31.21 -5.38
C ASN B 53 19.50 -31.14 -4.49
N PRO B 54 20.61 -30.63 -5.02
CA PRO B 54 21.92 -30.48 -4.34
C PRO B 54 21.61 -29.51 -3.20
N THR B 55 22.43 -29.47 -2.15
CA THR B 55 23.60 -30.33 -2.02
C THR B 55 23.46 -31.33 -0.84
N TRP B 56 23.57 -32.62 -1.15
CA TRP B 56 23.45 -33.66 -0.10
C TRP B 56 24.78 -34.26 0.29
N HIS B 57 24.80 -34.89 1.47
CA HIS B 57 26.02 -35.52 2.00
C HIS B 57 25.58 -36.81 2.66
N CYS B 58 26.37 -37.87 2.44
CA CYS B 58 26.06 -39.19 3.02
C CYS B 58 27.28 -39.89 3.58
N ILE B 59 27.13 -40.38 4.79
CA ILE B 59 28.19 -41.11 5.46
C ILE B 59 27.61 -42.44 5.89
N VAL B 60 28.29 -43.51 5.50
CA VAL B 60 27.85 -44.85 5.83
C VAL B 60 28.94 -45.61 6.54
N GLY B 61 28.62 -46.16 7.70
CA GLY B 61 29.64 -46.87 8.43
C GLY B 61 29.11 -47.66 9.61
N ARG B 62 30.05 -48.27 10.35
CA ARG B 62 29.71 -49.07 11.50
C ARG B 62 30.32 -48.45 12.75
N ASN B 63 31.19 -47.48 12.56
CA ASN B 63 31.79 -46.85 13.73
C ASN B 63 32.24 -45.44 13.46
N PHE B 64 31.41 -44.48 13.88
CA PHE B 64 31.75 -43.07 13.72
C PHE B 64 30.82 -42.10 14.46
N GLY B 65 31.39 -40.97 14.82
CA GLY B 65 30.65 -39.92 15.49
C GLY B 65 30.55 -38.79 14.48
N SER B 66 29.60 -37.87 14.68
CA SER B 66 29.43 -36.76 13.74
C SER B 66 28.91 -35.50 14.40
N TYR B 67 29.16 -34.38 13.75
CA TYR B 67 28.69 -33.08 14.21
C TYR B 67 28.54 -32.24 12.95
N VAL B 68 27.32 -32.19 12.44
CA VAL B 68 27.04 -31.47 11.21
C VAL B 68 25.91 -30.45 11.31
N THR B 69 25.92 -29.49 10.41
CA THR B 69 24.87 -28.48 10.39
C THR B 69 24.02 -28.69 9.16
N HIS B 70 22.71 -28.55 9.27
CA HIS B 70 21.84 -28.83 8.13
C HIS B 70 20.63 -27.93 7.90
N GLU B 71 20.19 -27.95 6.65
CA GLU B 71 19.02 -27.22 6.20
C GLU B 71 17.83 -27.84 6.92
N THR B 72 16.89 -27.01 7.35
CA THR B 72 15.73 -27.53 8.04
C THR B 72 14.99 -28.55 7.16
N ARG B 73 14.32 -29.50 7.80
CA ARG B 73 13.54 -30.51 7.10
C ARG B 73 14.38 -31.39 6.15
N HIS B 74 15.70 -31.35 6.29
CA HIS B 74 16.56 -32.16 5.43
C HIS B 74 17.70 -32.81 6.20
N PHE B 75 17.34 -33.75 7.07
CA PHE B 75 18.31 -34.48 7.88
C PHE B 75 17.74 -35.79 8.39
N ILE B 76 18.55 -36.83 8.36
CA ILE B 76 18.12 -38.14 8.84
C ILE B 76 19.32 -39.05 9.15
N TYR B 77 19.24 -39.74 10.29
CA TYR B 77 20.28 -40.67 10.72
C TYR B 77 19.58 -41.96 11.06
N PHE B 78 19.85 -43.02 10.30
CA PHE B 78 19.20 -44.30 10.57
C PHE B 78 20.09 -45.50 10.41
N TYR B 79 19.60 -46.63 10.91
CA TYR B 79 20.30 -47.90 10.86
C TYR B 79 19.57 -48.79 9.88
N LEU B 80 20.34 -49.51 9.06
CA LEU B 80 19.79 -50.42 8.09
C LEU B 80 20.87 -51.42 7.79
N GLY B 81 20.49 -52.69 7.76
CA GLY B 81 21.46 -53.73 7.50
C GLY B 81 22.52 -53.69 8.59
N GLN B 82 23.77 -53.85 8.19
CA GLN B 82 24.87 -53.84 9.16
C GLN B 82 25.58 -52.50 9.24
N VAL B 83 24.93 -51.43 8.80
CA VAL B 83 25.53 -50.12 8.85
C VAL B 83 24.60 -48.98 9.19
N ALA B 84 25.20 -47.91 9.74
CA ALA B 84 24.51 -46.69 10.10
C ALA B 84 24.58 -45.77 8.88
N ILE B 85 23.54 -44.97 8.67
CA ILE B 85 23.48 -44.07 7.54
C ILE B 85 23.09 -42.66 7.93
N LEU B 86 23.97 -41.71 7.58
CA LEU B 86 23.77 -40.29 7.85
C LEU B 86 23.62 -39.56 6.51
N LEU B 87 22.46 -38.95 6.31
CA LEU B 87 22.21 -38.25 5.07
C LEU B 87 21.65 -36.88 5.41
N PHE B 88 22.30 -35.83 4.94
CA PHE B 88 21.81 -34.49 5.22
C PHE B 88 22.15 -33.46 4.14
N LYS B 89 21.29 -32.45 4.04
CA LYS B 89 21.47 -31.39 3.07
C LYS B 89 22.10 -30.19 3.77
N SER B 90 23.01 -29.54 3.08
CA SER B 90 23.71 -28.34 3.55
C SER B 90 24.46 -27.76 2.34
N GLY B 91 23.86 -26.72 1.75
CA GLY B 91 24.43 -26.08 0.57
C GLY B 91 23.62 -26.45 -0.67
N LYS C 7 -39.83 32.20 -20.27
CA LYS C 7 -39.47 33.50 -20.92
C LYS C 7 -38.29 34.19 -20.20
N ALA C 8 -37.30 33.39 -19.81
CA ALA C 8 -36.12 33.91 -19.12
C ALA C 8 -34.90 33.91 -20.06
N VAL C 9 -33.98 34.83 -19.82
CA VAL C 9 -32.77 34.93 -20.63
C VAL C 9 -31.54 34.75 -19.76
N ILE C 10 -30.86 33.65 -19.95
CA ILE C 10 -29.68 33.36 -19.17
C ILE C 10 -28.47 34.03 -19.78
N LYS C 11 -28.01 35.08 -19.12
CA LYS C 11 -26.87 35.83 -19.61
C LYS C 11 -25.54 35.06 -19.44
N ASN C 12 -25.17 34.77 -18.20
CA ASN C 12 -23.93 34.08 -17.94
C ASN C 12 -24.13 33.02 -16.86
N ALA C 13 -23.60 31.83 -17.08
CA ALA C 13 -23.77 30.75 -16.12
C ALA C 13 -22.70 29.68 -16.10
N ASP C 14 -22.48 29.19 -14.89
CA ASP C 14 -21.57 28.11 -14.59
C ASP C 14 -22.44 27.35 -13.63
N MET C 15 -23.29 26.49 -14.15
CA MET C 15 -24.22 25.79 -13.29
C MET C 15 -24.92 24.70 -14.10
N SER C 16 -25.16 23.56 -13.47
CA SER C 16 -25.81 22.47 -14.17
C SER C 16 -27.11 23.00 -14.74
N GLU C 17 -27.62 22.30 -15.76
CA GLU C 17 -28.86 22.68 -16.40
C GLU C 17 -30.03 22.55 -15.44
N GLU C 18 -30.08 21.43 -14.71
CA GLU C 18 -31.17 21.20 -13.78
C GLU C 18 -31.25 22.33 -12.78
N MET C 19 -30.10 22.73 -12.27
CA MET C 19 -30.04 23.80 -11.28
C MET C 19 -30.53 25.06 -11.94
N GLN C 20 -30.06 25.31 -13.16
CA GLN C 20 -30.48 26.51 -13.87
C GLN C 20 -31.99 26.62 -13.99
N GLN C 21 -32.65 25.49 -14.22
CA GLN C 21 -34.10 25.50 -14.35
C GLN C 21 -34.72 25.90 -13.03
N ASP C 22 -34.19 25.31 -11.96
CA ASP C 22 -34.69 25.59 -10.63
C ASP C 22 -34.53 27.05 -10.30
N ALA C 23 -33.40 27.61 -10.71
CA ALA C 23 -33.12 29.02 -10.46
C ALA C 23 -34.25 29.85 -11.08
N VAL C 24 -34.59 29.51 -12.32
CA VAL C 24 -35.62 30.21 -13.05
C VAL C 24 -37.01 30.00 -12.43
N ASP C 25 -37.32 28.76 -12.07
CA ASP C 25 -38.62 28.47 -11.48
C ASP C 25 -38.75 29.12 -10.11
N CYS C 26 -37.66 29.09 -9.34
CA CYS C 26 -37.69 29.70 -8.02
C CYS C 26 -37.97 31.18 -8.15
N ALA C 27 -37.26 31.83 -9.07
CA ALA C 27 -37.42 33.25 -9.29
C ALA C 27 -38.80 33.59 -9.84
N THR C 28 -39.35 32.72 -10.68
CA THR C 28 -40.66 32.98 -11.23
C THR C 28 -41.68 33.19 -10.10
N GLN C 29 -41.57 32.38 -9.06
CA GLN C 29 -42.49 32.51 -7.95
C GLN C 29 -42.19 33.75 -7.13
N ALA C 30 -40.90 34.04 -6.98
CA ALA C 30 -40.50 35.21 -6.21
C ALA C 30 -41.18 36.44 -6.78
N LEU C 31 -41.24 36.51 -8.10
CA LEU C 31 -41.86 37.64 -8.77
C LEU C 31 -43.38 37.64 -8.60
N GLU C 32 -43.96 36.46 -8.41
CA GLU C 32 -45.40 36.33 -8.24
C GLU C 32 -45.81 36.74 -6.84
N LYS C 33 -44.89 36.63 -5.90
CA LYS C 33 -45.21 36.98 -4.53
C LYS C 33 -44.63 38.31 -4.09
N TYR C 34 -43.67 38.85 -4.83
CA TYR C 34 -43.08 40.09 -4.37
C TYR C 34 -42.83 41.14 -5.43
N ASN C 35 -42.91 42.39 -4.99
CA ASN C 35 -42.69 43.50 -5.90
C ASN C 35 -41.33 44.07 -5.61
N ILE C 36 -41.05 44.30 -4.34
CA ILE C 36 -39.79 44.86 -3.91
C ILE C 36 -38.61 43.93 -4.17
N GLU C 37 -37.61 44.43 -4.88
CA GLU C 37 -36.43 43.67 -5.24
C GLU C 37 -35.81 42.87 -4.11
N LYS C 38 -35.59 43.52 -2.96
CA LYS C 38 -34.97 42.84 -1.82
C LYS C 38 -35.74 41.61 -1.31
N ASP C 39 -37.07 41.62 -1.45
CA ASP C 39 -37.88 40.49 -0.99
C ASP C 39 -37.74 39.34 -1.97
N ILE C 40 -37.57 39.69 -3.24
CA ILE C 40 -37.42 38.70 -4.29
C ILE C 40 -36.09 37.99 -4.04
N ALA C 41 -35.06 38.80 -3.81
CA ALA C 41 -33.73 38.31 -3.53
C ALA C 41 -33.80 37.37 -2.34
N ALA C 42 -34.38 37.86 -1.25
CA ALA C 42 -34.50 37.05 -0.05
C ALA C 42 -35.09 35.69 -0.35
N TYR C 43 -36.21 35.68 -1.06
CA TYR C 43 -36.90 34.46 -1.42
C TYR C 43 -35.96 33.49 -2.14
N ILE C 44 -35.30 33.98 -3.19
CA ILE C 44 -34.39 33.17 -3.98
C ILE C 44 -33.29 32.58 -3.11
N LYS C 45 -32.58 33.44 -2.40
CA LYS C 45 -31.49 33.02 -1.53
C LYS C 45 -31.92 31.91 -0.58
N LYS C 46 -33.00 32.15 0.14
CA LYS C 46 -33.51 31.18 1.08
C LYS C 46 -33.77 29.80 0.48
N GLU C 47 -34.59 29.73 -0.57
CA GLU C 47 -34.89 28.43 -1.17
C GLU C 47 -33.61 27.71 -1.57
N PHE C 48 -32.65 28.46 -2.08
CA PHE C 48 -31.41 27.85 -2.50
C PHE C 48 -30.56 27.38 -1.33
N ASP C 49 -30.48 28.20 -0.29
CA ASP C 49 -29.70 27.79 0.86
C ASP C 49 -30.33 26.52 1.38
N LYS C 50 -31.65 26.50 1.37
CA LYS C 50 -32.39 25.36 1.87
C LYS C 50 -32.30 24.13 0.98
N LYS C 51 -32.32 24.31 -0.33
CA LYS C 51 -32.27 23.13 -1.19
C LYS C 51 -30.88 22.71 -1.64
N TYR C 52 -29.98 23.67 -1.81
CA TYR C 52 -28.64 23.37 -2.26
C TYR C 52 -27.56 23.72 -1.23
N ASN C 53 -27.96 23.82 0.03
CA ASN C 53 -27.01 24.12 1.09
C ASN C 53 -26.38 25.51 0.98
N PRO C 54 -26.02 26.11 2.12
CA PRO C 54 -25.40 27.44 2.23
C PRO C 54 -24.07 27.29 1.49
N THR C 55 -23.45 28.40 1.07
CA THR C 55 -24.00 29.75 1.27
C THR C 55 -24.32 30.53 -0.05
N TRP C 56 -25.58 30.97 -0.19
CA TRP C 56 -25.99 31.69 -1.40
C TRP C 56 -26.20 33.18 -1.22
N HIS C 57 -26.14 33.91 -2.33
CA HIS C 57 -26.29 35.35 -2.33
C HIS C 57 -27.12 35.71 -3.55
N CYS C 58 -28.03 36.66 -3.39
CA CYS C 58 -28.87 37.05 -4.51
C CYS C 58 -29.02 38.56 -4.56
N ILE C 59 -28.80 39.10 -5.74
CA ILE C 59 -28.92 40.52 -5.95
C ILE C 59 -29.94 40.65 -7.05
N VAL C 60 -30.96 41.46 -6.83
CA VAL C 60 -31.99 41.65 -7.83
C VAL C 60 -32.16 43.14 -8.13
N GLY C 61 -32.18 43.51 -9.42
CA GLY C 61 -32.33 44.91 -9.74
C GLY C 61 -32.37 45.26 -11.22
N ARG C 62 -32.39 46.55 -11.50
CA ARG C 62 -32.44 47.04 -12.87
C ARG C 62 -31.20 47.84 -13.26
N ASN C 63 -30.43 48.26 -12.26
CA ASN C 63 -29.21 49.01 -12.55
C ASN C 63 -28.12 48.73 -11.54
N PHE C 64 -27.13 47.96 -11.97
CA PHE C 64 -25.99 47.59 -11.11
C PHE C 64 -24.95 46.71 -11.78
N GLY C 65 -23.71 46.87 -11.36
CA GLY C 65 -22.62 46.07 -11.88
C GLY C 65 -22.07 45.26 -10.71
N SER C 66 -21.37 44.18 -10.96
CA SER C 66 -20.83 43.41 -9.85
C SER C 66 -19.57 42.65 -10.20
N TYR C 67 -18.74 42.44 -9.19
CA TYR C 67 -17.50 41.69 -9.33
C TYR C 67 -17.57 40.75 -8.12
N VAL C 68 -17.86 39.47 -8.37
CA VAL C 68 -17.99 38.49 -7.29
C VAL C 68 -17.21 37.21 -7.55
N THR C 69 -16.85 36.52 -6.48
CA THR C 69 -16.12 35.25 -6.61
C THR C 69 -17.03 34.10 -6.18
N HIS C 70 -17.11 33.06 -6.99
CA HIS C 70 -18.00 31.94 -6.67
C HIS C 70 -17.39 30.54 -6.75
N GLU C 71 -18.11 29.57 -6.20
CA GLU C 71 -17.70 28.16 -6.20
C GLU C 71 -18.01 27.57 -7.54
N THR C 72 -17.08 26.79 -8.04
CA THR C 72 -17.30 26.17 -9.33
C THR C 72 -18.69 25.57 -9.47
N ARG C 73 -19.33 25.86 -10.59
CA ARG C 73 -20.65 25.36 -10.94
C ARG C 73 -21.82 25.88 -10.12
N HIS C 74 -21.62 27.01 -9.45
CA HIS C 74 -22.69 27.61 -8.66
C HIS C 74 -22.73 29.11 -8.92
N PHE C 75 -23.09 29.46 -10.15
CA PHE C 75 -23.18 30.85 -10.55
C PHE C 75 -24.13 30.97 -11.71
N ILE C 76 -24.97 31.99 -11.65
CA ILE C 76 -25.93 32.26 -12.71
C ILE C 76 -26.38 33.71 -12.65
N TYR C 77 -26.43 34.34 -13.80
CA TYR C 77 -26.85 35.74 -13.92
C TYR C 77 -27.85 35.74 -15.08
N PHE C 78 -29.11 36.03 -14.78
CA PHE C 78 -30.12 36.01 -15.84
C PHE C 78 -31.17 37.09 -15.71
N TYR C 79 -31.87 37.33 -16.81
CA TYR C 79 -32.91 38.33 -16.83
C TYR C 79 -34.25 37.62 -16.80
N LEU C 80 -35.20 38.19 -16.07
CA LEU C 80 -36.53 37.61 -15.97
C LEU C 80 -37.44 38.75 -15.56
N GLY C 81 -38.61 38.83 -16.19
CA GLY C 81 -39.53 39.90 -15.87
C GLY C 81 -38.88 41.23 -16.17
N GLN C 82 -38.94 42.15 -15.22
CA GLN C 82 -38.32 43.45 -15.46
C GLN C 82 -37.07 43.64 -14.62
N VAL C 83 -36.45 42.52 -14.23
CA VAL C 83 -35.26 42.58 -13.39
C VAL C 83 -34.16 41.63 -13.81
N ALA C 84 -32.95 41.95 -13.36
CA ALA C 84 -31.78 41.12 -13.60
C ALA C 84 -31.56 40.38 -12.28
N ILE C 85 -31.16 39.12 -12.34
CA ILE C 85 -30.95 38.32 -11.13
C ILE C 85 -29.55 37.72 -11.03
N LEU C 86 -28.88 37.96 -9.92
CA LEU C 86 -27.54 37.42 -9.67
C LEU C 86 -27.65 36.47 -8.50
N LEU C 87 -27.24 35.22 -8.72
CA LEU C 87 -27.32 34.19 -7.69
C LEU C 87 -26.09 33.30 -7.68
N PHE C 88 -25.24 33.43 -6.66
CA PHE C 88 -24.06 32.60 -6.58
C PHE C 88 -23.79 32.09 -5.18
N LYS C 89 -22.88 31.13 -5.11
CA LYS C 89 -22.48 30.47 -3.87
C LYS C 89 -21.04 30.84 -3.51
N SER C 90 -20.81 31.15 -2.23
CA SER C 90 -19.47 31.50 -1.76
C SER C 90 -19.44 31.53 -0.24
N GLY C 91 -18.85 30.47 0.33
CA GLY C 91 -18.76 30.31 1.77
C GLY C 91 -19.67 29.16 2.21
N LYS D 7 -21.03 63.51 -0.96
CA LYS D 7 -20.70 62.91 0.37
C LYS D 7 -21.25 61.49 0.52
N ALA D 8 -20.56 60.71 1.34
CA ALA D 8 -20.96 59.32 1.54
C ALA D 8 -21.94 59.17 2.69
N VAL D 9 -22.93 58.30 2.50
CA VAL D 9 -23.92 58.04 3.51
C VAL D 9 -23.92 56.53 3.74
N ILE D 10 -23.56 56.14 4.96
CA ILE D 10 -23.50 54.75 5.32
C ILE D 10 -24.85 54.32 5.85
N LYS D 11 -25.62 53.63 5.03
CA LYS D 11 -26.96 53.18 5.42
C LYS D 11 -26.93 52.00 6.38
N ASN D 12 -26.06 51.04 6.13
CA ASN D 12 -25.98 49.86 6.97
C ASN D 12 -24.57 49.27 6.95
N ALA D 13 -23.99 49.08 8.13
CA ALA D 13 -22.65 48.56 8.20
C ALA D 13 -22.34 47.65 9.38
N ASP D 14 -21.21 46.96 9.27
CA ASP D 14 -20.71 46.07 10.30
C ASP D 14 -19.22 45.88 10.11
N MET D 15 -18.45 46.94 10.36
CA MET D 15 -17.00 46.89 10.23
C MET D 15 -16.35 48.04 10.98
N SER D 16 -15.05 47.91 11.25
CA SER D 16 -14.32 48.94 11.98
C SER D 16 -14.39 50.29 11.25
N GLU D 17 -14.31 51.37 12.02
CA GLU D 17 -14.34 52.69 11.43
C GLU D 17 -13.21 52.79 10.43
N GLU D 18 -12.08 52.18 10.76
CA GLU D 18 -10.92 52.20 9.88
C GLU D 18 -11.28 51.63 8.53
N MET D 19 -11.90 50.46 8.53
CA MET D 19 -12.28 49.78 7.30
C MET D 19 -13.37 50.56 6.58
N GLN D 20 -14.35 51.03 7.34
CA GLN D 20 -15.45 51.80 6.76
C GLN D 20 -14.91 52.99 6.01
N GLN D 21 -13.79 53.53 6.47
CA GLN D 21 -13.21 54.67 5.79
C GLN D 21 -12.55 54.23 4.49
N ASP D 22 -11.86 53.10 4.53
CA ASP D 22 -11.18 52.57 3.34
C ASP D 22 -12.20 52.35 2.24
N ALA D 23 -13.34 51.79 2.62
CA ALA D 23 -14.42 51.53 1.68
C ALA D 23 -14.74 52.82 0.96
N VAL D 24 -15.12 53.83 1.74
CA VAL D 24 -15.47 55.11 1.18
C VAL D 24 -14.35 55.66 0.29
N ASP D 25 -13.12 55.67 0.79
CA ASP D 25 -12.02 56.19 0.00
C ASP D 25 -11.82 55.40 -1.28
N CYS D 26 -11.91 54.07 -1.17
CA CYS D 26 -11.73 53.21 -2.34
C CYS D 26 -12.84 53.49 -3.34
N ALA D 27 -14.06 53.66 -2.84
CA ALA D 27 -15.18 53.92 -3.74
C ALA D 27 -14.96 55.20 -4.53
N THR D 28 -14.51 56.23 -3.84
CA THR D 28 -14.26 57.53 -4.47
C THR D 28 -13.27 57.43 -5.61
N GLN D 29 -12.10 56.85 -5.35
CA GLN D 29 -11.12 56.71 -6.39
C GLN D 29 -11.72 55.96 -7.55
N ALA D 30 -12.44 54.89 -7.23
CA ALA D 30 -13.09 54.04 -8.22
C ALA D 30 -13.93 54.87 -9.19
N LEU D 31 -14.81 55.69 -8.63
CA LEU D 31 -15.69 56.54 -9.43
C LEU D 31 -14.96 57.57 -10.28
N GLU D 32 -13.91 58.18 -9.75
CA GLU D 32 -13.19 59.17 -10.52
C GLU D 32 -12.27 58.51 -11.55
N LYS D 33 -12.22 57.18 -11.55
CA LYS D 33 -11.34 56.50 -12.49
C LYS D 33 -12.08 55.60 -13.48
N TYR D 34 -13.31 55.21 -13.16
CA TYR D 34 -14.09 54.35 -14.04
C TYR D 34 -15.53 54.82 -14.09
N ASN D 35 -16.21 54.52 -15.18
CA ASN D 35 -17.60 54.94 -15.33
C ASN D 35 -18.53 53.75 -15.38
N ILE D 36 -18.10 52.67 -16.02
CA ILE D 36 -18.93 51.47 -16.08
C ILE D 36 -19.05 50.93 -14.66
N GLU D 37 -20.27 50.65 -14.20
CA GLU D 37 -20.49 50.15 -12.84
C GLU D 37 -19.66 48.94 -12.44
N LYS D 38 -19.61 47.93 -13.29
CA LYS D 38 -18.86 46.72 -12.99
C LYS D 38 -17.37 47.01 -12.79
N ASP D 39 -16.84 48.02 -13.46
CA ASP D 39 -15.42 48.32 -13.31
C ASP D 39 -15.15 48.96 -11.97
N ILE D 40 -16.16 49.62 -11.41
CA ILE D 40 -15.99 50.26 -10.13
C ILE D 40 -16.03 49.16 -9.09
N ALA D 41 -17.02 48.29 -9.20
CA ALA D 41 -17.13 47.17 -8.28
C ALA D 41 -15.79 46.43 -8.28
N ALA D 42 -15.35 46.03 -9.48
CA ALA D 42 -14.11 45.31 -9.65
C ALA D 42 -12.98 46.00 -8.90
N TYR D 43 -12.82 47.29 -9.14
CA TYR D 43 -11.78 48.08 -8.50
C TYR D 43 -11.87 47.96 -7.00
N ILE D 44 -13.04 48.24 -6.45
CA ILE D 44 -13.26 48.14 -5.01
C ILE D 44 -12.86 46.78 -4.49
N LYS D 45 -13.53 45.75 -5.00
CA LYS D 45 -13.28 44.38 -4.59
C LYS D 45 -11.80 44.01 -4.64
N LYS D 46 -11.11 44.43 -5.69
CA LYS D 46 -9.69 44.10 -5.79
C LYS D 46 -8.85 44.69 -4.65
N GLU D 47 -9.07 45.97 -4.35
CA GLU D 47 -8.32 46.63 -3.29
C GLU D 47 -8.57 45.97 -1.94
N PHE D 48 -9.79 45.51 -1.72
CA PHE D 48 -10.13 44.87 -0.45
C PHE D 48 -9.61 43.44 -0.37
N ASP D 49 -9.60 42.73 -1.50
CA ASP D 49 -9.09 41.36 -1.51
C ASP D 49 -7.61 41.43 -1.26
N LYS D 50 -6.99 42.53 -1.65
CA LYS D 50 -5.57 42.67 -1.50
C LYS D 50 -5.19 43.15 -0.11
N LYS D 51 -5.88 44.20 0.34
CA LYS D 51 -5.57 44.79 1.63
C LYS D 51 -6.20 44.12 2.84
N TYR D 52 -7.18 43.26 2.63
CA TYR D 52 -7.84 42.60 3.76
C TYR D 52 -8.08 41.11 3.52
N ASN D 53 -7.34 40.54 2.57
CA ASN D 53 -7.46 39.13 2.23
C ASN D 53 -8.80 38.78 1.55
N PRO D 54 -8.80 37.73 0.69
CA PRO D 54 -9.99 37.27 -0.02
C PRO D 54 -10.91 36.72 1.07
N THR D 55 -12.21 36.56 0.82
CA THR D 55 -12.87 36.85 -0.45
C THR D 55 -14.03 37.85 -0.32
N TRP D 56 -13.88 38.97 -1.02
CA TRP D 56 -14.86 40.05 -1.04
C TRP D 56 -15.69 40.08 -2.31
N HIS D 57 -16.81 40.78 -2.22
CA HIS D 57 -17.74 40.92 -3.32
C HIS D 57 -18.24 42.34 -3.36
N CYS D 58 -18.31 42.93 -4.55
CA CYS D 58 -18.81 44.29 -4.64
C CYS D 58 -19.89 44.50 -5.69
N ILE D 59 -20.88 45.33 -5.33
CA ILE D 59 -22.00 45.65 -6.22
C ILE D 59 -22.26 47.15 -6.17
N VAL D 60 -22.15 47.77 -7.34
CA VAL D 60 -22.37 49.20 -7.48
C VAL D 60 -23.52 49.41 -8.43
N GLY D 61 -24.55 50.10 -7.97
CA GLY D 61 -25.70 50.36 -8.82
C GLY D 61 -26.61 51.44 -8.27
N ARG D 62 -27.62 51.81 -9.04
CA ARG D 62 -28.57 52.83 -8.63
C ARG D 62 -29.95 52.21 -8.38
N ASN D 63 -30.10 50.94 -8.72
CA ASN D 63 -31.39 50.28 -8.55
C ASN D 63 -31.25 48.77 -8.38
N PHE D 64 -31.38 48.31 -7.13
CA PHE D 64 -31.29 46.88 -6.83
C PHE D 64 -31.48 46.61 -5.36
N GLY D 65 -31.94 45.40 -5.07
CA GLY D 65 -32.14 44.99 -3.70
C GLY D 65 -31.27 43.77 -3.55
N SER D 66 -30.93 43.41 -2.32
CA SER D 66 -30.08 42.24 -2.11
C SER D 66 -30.31 41.52 -0.81
N TYR D 67 -29.95 40.25 -0.82
CA TYR D 67 -30.04 39.44 0.37
C TYR D 67 -28.80 38.57 0.38
N VAL D 68 -27.86 38.89 1.27
CA VAL D 68 -26.60 38.16 1.33
C VAL D 68 -26.16 37.75 2.73
N THR D 69 -25.14 36.88 2.77
CA THR D 69 -24.56 36.39 4.03
C THR D 69 -23.10 36.81 4.08
N HIS D 70 -22.69 37.34 5.21
CA HIS D 70 -21.31 37.81 5.31
C HIS D 70 -20.65 37.40 6.60
N GLU D 71 -19.33 37.34 6.55
CA GLU D 71 -18.55 37.00 7.72
C GLU D 71 -18.68 38.16 8.67
N THR D 72 -18.79 37.88 9.96
CA THR D 72 -18.93 38.93 10.95
C THR D 72 -17.88 40.00 10.74
N ARG D 73 -18.23 41.24 11.04
CA ARG D 73 -17.32 42.37 10.91
C ARG D 73 -16.91 42.70 9.48
N HIS D 74 -17.51 42.05 8.49
CA HIS D 74 -17.14 42.36 7.11
C HIS D 74 -18.29 42.64 6.14
N PHE D 75 -19.06 43.69 6.47
CA PHE D 75 -20.18 44.11 5.64
C PHE D 75 -20.37 45.62 5.66
N ILE D 76 -20.55 46.22 4.49
CA ILE D 76 -20.75 47.65 4.43
C ILE D 76 -21.68 47.95 3.26
N TYR D 77 -22.63 48.86 3.46
CA TYR D 77 -23.56 49.23 2.39
C TYR D 77 -23.77 50.73 2.48
N PHE D 78 -23.09 51.47 1.61
CA PHE D 78 -23.19 52.93 1.62
C PHE D 78 -23.55 53.55 0.27
N TYR D 79 -23.93 54.81 0.32
CA TYR D 79 -24.27 55.57 -0.87
C TYR D 79 -23.20 56.63 -1.10
N LEU D 80 -22.88 56.82 -2.36
CA LEU D 80 -21.91 57.81 -2.75
C LEU D 80 -22.74 58.55 -3.76
N GLY D 81 -23.40 59.62 -3.31
CA GLY D 81 -24.28 60.35 -4.20
C GLY D 81 -25.54 59.51 -4.33
N GLN D 82 -25.99 59.28 -5.55
CA GLN D 82 -27.17 58.47 -5.78
C GLN D 82 -26.75 57.03 -6.03
N VAL D 83 -25.43 56.84 -6.18
CA VAL D 83 -24.85 55.52 -6.44
C VAL D 83 -24.64 54.69 -5.18
N ALA D 84 -25.28 53.52 -5.14
CA ALA D 84 -25.18 52.61 -4.00
C ALA D 84 -23.99 51.65 -4.13
N ILE D 85 -23.38 51.32 -3.00
CA ILE D 85 -22.24 50.43 -3.01
C ILE D 85 -22.35 49.41 -1.91
N LEU D 86 -22.40 48.14 -2.31
CA LEU D 86 -22.49 47.02 -1.36
C LEU D 86 -21.19 46.24 -1.41
N LEU D 87 -20.50 46.14 -0.28
CA LEU D 87 -19.24 45.43 -0.24
C LEU D 87 -19.14 44.52 0.97
N PHE D 88 -18.97 43.22 0.72
CA PHE D 88 -18.87 42.26 1.80
C PHE D 88 -17.92 41.09 1.52
N LYS D 89 -17.49 40.45 2.60
CA LYS D 89 -16.58 39.32 2.55
C LYS D 89 -17.34 38.06 2.91
N SER D 90 -17.10 37.01 2.14
CA SER D 90 -17.76 35.74 2.38
C SER D 90 -17.07 34.63 1.60
N GLY D 91 -16.62 33.61 2.33
CA GLY D 91 -15.94 32.51 1.68
C GLY D 91 -14.45 32.79 1.62
N SER E 8 -17.65 -21.60 0.75
CA SER E 8 -17.60 -20.36 1.59
C SER E 8 -16.17 -19.85 1.85
N GLN E 9 -15.78 -18.82 1.09
CA GLN E 9 -14.47 -18.16 1.17
C GLN E 9 -14.72 -16.66 1.12
N PHE E 10 -13.67 -15.86 1.10
CA PHE E 10 -13.82 -14.41 1.06
C PHE E 10 -13.72 -13.88 -0.37
N ILE E 11 -14.85 -13.71 -1.04
CA ILE E 11 -14.86 -13.21 -2.41
C ILE E 11 -14.76 -11.69 -2.43
N VAL E 12 -13.68 -11.19 -3.00
CA VAL E 12 -13.44 -9.75 -3.06
C VAL E 12 -14.47 -8.97 -3.87
N ASP E 13 -14.76 -9.43 -5.08
CA ASP E 13 -15.71 -8.72 -5.93
C ASP E 13 -17.11 -8.64 -5.34
N ASP E 14 -17.48 -9.63 -4.55
CA ASP E 14 -18.79 -9.66 -3.92
C ASP E 14 -18.85 -8.65 -2.80
N VAL E 15 -17.82 -8.63 -1.96
CA VAL E 15 -17.76 -7.70 -0.85
C VAL E 15 -17.69 -6.30 -1.43
N SER E 16 -16.94 -6.17 -2.52
CA SER E 16 -16.81 -4.88 -3.16
C SER E 16 -18.16 -4.31 -3.56
N LYS E 17 -19.02 -5.17 -4.11
CA LYS E 17 -20.36 -4.78 -4.53
C LYS E 17 -21.17 -4.36 -3.31
N THR E 18 -21.05 -5.12 -2.24
CA THR E 18 -21.77 -4.82 -1.03
C THR E 18 -21.47 -3.43 -0.51
N ILE E 19 -20.19 -3.11 -0.42
CA ILE E 19 -19.77 -1.82 0.07
C ILE E 19 -20.34 -0.69 -0.76
N LYS E 20 -20.10 -0.73 -2.07
CA LYS E 20 -20.61 0.32 -2.94
C LYS E 20 -22.12 0.48 -2.79
N GLU E 21 -22.83 -0.63 -2.69
CA GLU E 21 -24.27 -0.55 -2.52
C GLU E 21 -24.58 0.19 -1.24
N ALA E 22 -23.86 -0.12 -0.17
CA ALA E 22 -24.09 0.54 1.11
C ALA E 22 -23.79 2.03 1.01
N ILE E 23 -22.75 2.38 0.27
CA ILE E 23 -22.40 3.78 0.15
C ILE E 23 -23.51 4.48 -0.61
N GLU E 24 -23.72 4.03 -1.83
CA GLU E 24 -24.73 4.59 -2.73
C GLU E 24 -26.09 4.77 -2.06
N THR E 25 -26.55 3.75 -1.35
CA THR E 25 -27.82 3.80 -0.66
C THR E 25 -27.83 4.81 0.48
N THR E 26 -26.69 5.03 1.10
CA THR E 26 -26.67 5.91 2.25
C THR E 26 -26.34 7.36 2.02
N ILE E 27 -25.24 7.63 1.32
CA ILE E 27 -24.88 9.01 1.09
C ILE E 27 -25.00 9.36 -0.36
N GLY E 28 -25.22 8.35 -1.18
CA GLY E 28 -25.35 8.58 -2.60
C GLY E 28 -26.42 9.61 -2.88
N GLY E 29 -26.05 10.70 -3.55
CA GLY E 29 -27.02 11.72 -3.87
C GLY E 29 -27.21 12.81 -2.83
N ASN E 30 -26.67 12.65 -1.63
CA ASN E 30 -26.81 13.72 -0.64
C ASN E 30 -25.58 14.60 -0.65
N ALA E 31 -25.52 15.50 0.31
CA ALA E 31 -24.38 16.41 0.43
C ALA E 31 -23.87 16.43 1.86
N TYR E 32 -22.58 16.68 2.03
CA TYR E 32 -22.03 16.72 3.37
C TYR E 32 -22.81 17.73 4.22
N GLN E 33 -23.23 17.29 5.39
CA GLN E 33 -23.97 18.09 6.35
C GLN E 33 -23.72 17.44 7.70
N HIS E 34 -22.68 17.92 8.38
CA HIS E 34 -22.25 17.38 9.66
C HIS E 34 -23.25 16.58 10.50
N ASP E 35 -24.39 17.18 10.84
CA ASP E 35 -25.36 16.49 11.68
C ASP E 35 -25.96 15.20 11.13
N LYS E 36 -25.86 14.98 9.83
CA LYS E 36 -26.42 13.73 9.29
C LYS E 36 -25.33 12.75 8.88
N VAL E 37 -24.12 13.26 8.68
CA VAL E 37 -23.01 12.44 8.29
C VAL E 37 -22.65 11.40 9.34
N ASN E 38 -22.86 11.70 10.61
CA ASN E 38 -22.52 10.72 11.62
C ASN E 38 -23.39 9.50 11.54
N ASN E 39 -24.67 9.68 11.21
CA ASN E 39 -25.56 8.56 11.11
C ASN E 39 -25.34 7.79 9.81
N TRP E 40 -24.91 8.51 8.79
CA TRP E 40 -24.64 7.86 7.52
C TRP E 40 -23.47 6.89 7.65
N THR E 41 -22.34 7.35 8.20
CA THR E 41 -21.22 6.44 8.32
C THR E 41 -21.61 5.22 9.13
N GLY E 42 -22.44 5.42 10.15
CA GLY E 42 -22.87 4.30 10.95
C GLY E 42 -23.68 3.29 10.17
N GLN E 43 -24.60 3.78 9.33
CA GLN E 43 -25.45 2.91 8.53
C GLN E 43 -24.65 2.09 7.53
N VAL E 44 -23.63 2.71 6.93
CA VAL E 44 -22.79 2.02 5.98
C VAL E 44 -22.13 0.82 6.65
N VAL E 45 -21.57 1.05 7.83
CA VAL E 45 -20.95 -0.04 8.56
C VAL E 45 -21.97 -1.14 8.82
N GLU E 46 -23.07 -0.76 9.44
CA GLU E 46 -24.13 -1.70 9.75
C GLU E 46 -24.73 -2.39 8.54
N ASN E 47 -24.89 -1.65 7.44
CA ASN E 47 -25.44 -2.24 6.24
C ASN E 47 -24.55 -3.36 5.75
N CYS E 48 -23.26 -3.06 5.63
CA CYS E 48 -22.28 -4.05 5.17
C CYS E 48 -22.32 -5.28 6.07
N LEU E 49 -22.25 -5.06 7.38
CA LEU E 49 -22.29 -6.17 8.31
C LEU E 49 -23.50 -7.08 8.15
N THR E 50 -24.67 -6.50 7.95
CA THR E 50 -25.89 -7.29 7.81
C THR E 50 -25.83 -8.18 6.57
N VAL E 51 -25.41 -7.61 5.45
CA VAL E 51 -25.32 -8.38 4.23
C VAL E 51 -24.31 -9.52 4.38
N LEU E 52 -23.15 -9.19 4.94
CA LEU E 52 -22.10 -10.19 5.10
C LEU E 52 -22.45 -11.33 6.04
N THR E 53 -23.04 -10.98 7.17
CA THR E 53 -23.38 -11.99 8.15
C THR E 53 -24.54 -12.87 7.67
N LYS E 54 -25.44 -12.29 6.89
CA LYS E 54 -26.58 -13.04 6.38
C LYS E 54 -26.13 -14.19 5.49
N GLU E 55 -25.04 -13.97 4.77
CA GLU E 55 -24.48 -14.98 3.88
C GLU E 55 -24.10 -16.28 4.60
N GLN E 56 -24.19 -16.27 5.93
CA GLN E 56 -23.88 -17.44 6.73
C GLN E 56 -22.50 -18.12 6.49
N LYS E 57 -21.49 -17.36 6.10
CA LYS E 57 -20.16 -17.94 5.89
C LYS E 57 -19.42 -18.01 7.22
N PRO E 58 -18.45 -18.95 7.36
CA PRO E 58 -17.65 -19.13 8.58
C PRO E 58 -16.59 -18.04 8.79
N TYR E 59 -17.02 -16.79 8.80
CA TYR E 59 -16.09 -15.68 8.95
C TYR E 59 -16.46 -14.64 10.00
N LYS E 60 -15.44 -14.01 10.57
CA LYS E 60 -15.64 -12.92 11.52
C LYS E 60 -15.42 -11.72 10.61
N TYR E 61 -16.01 -10.58 10.92
CA TYR E 61 -15.83 -9.41 10.06
C TYR E 61 -15.50 -8.12 10.78
N ILE E 62 -14.77 -7.26 10.09
CA ILE E 62 -14.42 -5.94 10.62
C ILE E 62 -14.78 -4.97 9.51
N VAL E 63 -15.61 -4.00 9.83
CA VAL E 63 -16.04 -3.00 8.86
C VAL E 63 -15.75 -1.62 9.42
N THR E 64 -15.01 -0.83 8.65
CA THR E 64 -14.64 0.53 9.03
C THR E 64 -15.07 1.44 7.90
N ALA E 65 -15.66 2.57 8.25
CA ALA E 65 -16.11 3.54 7.28
C ALA E 65 -15.62 4.90 7.68
N ILE E 67 -15.91 9.23 6.31
CA ILE E 67 -16.37 10.29 5.43
C ILE E 67 -15.76 11.62 5.83
N GLN E 69 -15.37 15.79 4.68
CA GLN E 69 -15.91 16.87 3.88
C GLN E 69 -14.83 17.36 2.92
N LYS E 70 -15.15 17.54 1.65
CA LYS E 70 -14.14 18.01 0.69
C LYS E 70 -13.85 19.46 1.00
N ASN E 71 -12.58 19.78 1.17
CA ASN E 71 -12.23 21.14 1.54
C ASN E 71 -10.80 21.46 1.13
N GLY E 72 -10.19 20.53 0.40
CA GLY E 72 -8.83 20.72 -0.05
C GLY E 72 -7.86 20.05 0.90
N ALA E 73 -8.36 19.65 2.07
CA ALA E 73 -7.55 18.98 3.10
C ALA E 73 -6.87 17.71 2.58
N GLY E 74 -5.59 17.55 2.94
CA GLY E 74 -4.85 16.37 2.55
C GLY E 74 -5.30 15.22 3.46
N LEU E 75 -5.46 14.04 2.88
CA LEU E 75 -5.89 12.85 3.62
C LEU E 75 -5.03 11.65 3.29
N HIS E 76 -4.54 10.97 4.31
CA HIS E 76 -3.68 9.83 4.07
C HIS E 76 -4.04 8.69 4.98
N THR E 77 -4.11 7.48 4.42
CA THR E 77 -4.42 6.29 5.21
C THR E 77 -3.55 5.10 4.89
N ALA E 78 -3.28 4.29 5.90
CA ALA E 78 -2.49 3.09 5.71
C ALA E 78 -3.08 2.00 6.57
N SER E 79 -2.95 0.76 6.14
CA SER E 79 -3.47 -0.34 6.92
C SER E 79 -2.88 -1.66 6.44
N SER E 80 -2.70 -2.57 7.41
CA SER E 80 -2.21 -3.91 7.12
C SER E 80 -2.70 -4.85 8.21
N CYS E 81 -2.33 -6.12 8.12
CA CYS E 81 -2.78 -7.07 9.13
C CYS E 81 -1.78 -8.21 9.34
N TYR E 82 -1.93 -8.89 10.47
CA TYR E 82 -1.13 -10.07 10.78
C TYR E 82 -2.22 -11.10 10.87
N TRP E 83 -2.38 -11.91 9.83
CA TRP E 83 -3.45 -12.91 9.83
C TRP E 83 -3.06 -14.15 9.01
N ASN E 84 -4.06 -14.89 8.55
CA ASN E 84 -3.84 -16.07 7.75
C ASN E 84 -4.04 -15.70 6.28
N ASN E 85 -2.93 -15.49 5.57
CA ASN E 85 -2.97 -15.11 4.18
C ASN E 85 -3.65 -16.09 3.27
N ASP E 86 -4.05 -17.23 3.79
CA ASP E 86 -4.66 -18.22 2.95
C ASP E 86 -6.19 -18.26 3.01
N THR E 87 -6.75 -17.84 4.14
CA THR E 87 -8.19 -17.85 4.32
C THR E 87 -8.77 -16.47 4.55
N ASP E 88 -7.90 -15.52 4.90
CA ASP E 88 -8.37 -14.18 5.20
C ASP E 88 -8.19 -13.17 4.07
N GLY E 89 -9.07 -12.19 4.02
CA GLY E 89 -8.97 -11.20 2.98
C GLY E 89 -9.57 -9.88 3.35
N SER E 90 -9.54 -8.93 2.43
CA SER E 90 -10.08 -7.60 2.68
C SER E 90 -10.36 -6.81 1.40
N CYS E 91 -11.12 -5.74 1.56
CA CYS E 91 -11.49 -4.90 0.45
C CYS E 91 -11.58 -3.43 0.90
N THR E 92 -10.94 -2.57 0.13
CA THR E 92 -11.01 -1.16 0.43
C THR E 92 -11.59 -0.41 -0.75
N VAL E 93 -12.69 0.26 -0.50
CA VAL E 93 -13.35 1.02 -1.53
C VAL E 93 -13.27 2.52 -1.30
N ARG E 94 -12.95 3.25 -2.35
CA ARG E 94 -12.90 4.70 -2.28
C ARG E 94 -14.06 5.19 -3.14
N TRP E 95 -14.89 6.06 -2.55
CA TRP E 95 -16.06 6.62 -3.20
C TRP E 95 -16.08 8.11 -2.93
N GLU E 96 -16.62 8.89 -3.86
CA GLU E 96 -16.67 10.34 -3.65
C GLU E 96 -17.62 11.06 -4.58
N ASN E 97 -18.27 12.10 -4.06
CA ASN E 97 -19.14 12.92 -4.90
C ASN E 97 -18.56 14.32 -4.77
N LYS E 98 -19.36 15.35 -4.94
CA LYS E 98 -18.83 16.70 -4.87
C LYS E 98 -18.63 17.28 -3.49
N THR E 99 -19.39 16.81 -2.51
CA THR E 99 -19.24 17.34 -1.19
C THR E 99 -18.42 16.45 -0.24
N TYR E 101 -15.89 12.77 0.63
CA TYR E 101 -14.97 11.73 0.22
C TYR E 101 -15.18 10.57 1.22
N CYS E 102 -15.41 9.36 0.72
CA CYS E 102 -15.62 8.23 1.63
C CYS E 102 -14.67 7.08 1.40
N ILE E 103 -14.27 6.44 2.50
CA ILE E 103 -13.43 5.25 2.43
C ILE E 103 -14.06 4.16 3.30
N VAL E 104 -14.23 2.96 2.75
CA VAL E 104 -14.84 1.87 3.52
C VAL E 104 -14.01 0.60 3.40
N SER E 105 -13.73 -0.03 4.54
CA SER E 105 -12.93 -1.25 4.54
C SER E 105 -13.60 -2.45 5.18
N VAL E 106 -13.46 -3.60 4.54
CA VAL E 106 -14.02 -4.82 5.08
C VAL E 106 -12.89 -5.82 5.22
N PHE E 107 -12.75 -6.38 6.41
CA PHE E 107 -11.72 -7.38 6.69
C PHE E 107 -12.44 -8.66 7.08
N GLY E 108 -12.23 -9.72 6.31
CA GLY E 108 -12.88 -10.98 6.65
C GLY E 108 -11.88 -11.95 7.25
N LEU E 109 -12.17 -12.46 8.43
CA LEU E 109 -11.26 -13.41 9.05
C LEU E 109 -11.92 -14.74 9.34
N ALA E 110 -11.33 -15.79 8.76
CA ALA E 110 -11.84 -17.14 8.94
C ALA E 110 -11.90 -17.44 10.43
N VAL E 111 -13.06 -17.91 10.89
CA VAL E 111 -13.24 -18.21 12.29
C VAL E 111 -12.31 -19.32 12.76
N GLN F 9 3.23 8.01 -28.81
CA GLN F 9 3.11 9.08 -27.78
C GLN F 9 3.87 8.80 -26.49
N PHE F 10 4.43 7.59 -26.38
CA PHE F 10 5.19 7.18 -25.19
C PHE F 10 6.67 7.12 -25.56
N ILE F 11 7.44 8.09 -25.07
CA ILE F 11 8.86 8.15 -25.37
C ILE F 11 9.65 7.43 -24.29
N VAL F 12 10.27 6.32 -24.64
CA VAL F 12 11.03 5.56 -23.68
C VAL F 12 12.24 6.31 -23.10
N ASP F 13 12.94 7.08 -23.92
CA ASP F 13 14.10 7.82 -23.42
C ASP F 13 13.70 8.83 -22.35
N ASP F 14 12.51 9.38 -22.50
CA ASP F 14 12.00 10.34 -21.54
C ASP F 14 11.80 9.70 -20.17
N VAL F 15 10.95 8.68 -20.14
CA VAL F 15 10.65 8.00 -18.89
C VAL F 15 11.86 7.38 -18.23
N SER F 16 12.75 6.81 -19.03
CA SER F 16 13.94 6.20 -18.47
C SER F 16 14.71 7.21 -17.64
N LYS F 17 14.80 8.42 -18.16
CA LYS F 17 15.51 9.51 -17.50
C LYS F 17 14.81 9.85 -16.19
N THR F 18 13.49 9.92 -16.21
CA THR F 18 12.71 10.22 -15.01
C THR F 18 12.93 9.15 -13.94
N ILE F 19 12.89 7.89 -14.35
CA ILE F 19 13.08 6.77 -13.44
C ILE F 19 14.41 6.90 -12.74
N LYS F 20 15.48 6.92 -13.52
CA LYS F 20 16.82 7.01 -12.97
C LYS F 20 16.95 8.16 -12.00
N GLU F 21 16.40 9.31 -12.36
CA GLU F 21 16.49 10.45 -11.46
C GLU F 21 15.77 10.15 -10.15
N ALA F 22 14.57 9.61 -10.26
CA ALA F 22 13.77 9.27 -9.09
C ALA F 22 14.54 8.30 -8.21
N ILE F 23 15.27 7.38 -8.82
CA ILE F 23 16.03 6.41 -8.04
C ILE F 23 17.10 7.14 -7.26
N GLU F 24 17.90 7.94 -7.97
CA GLU F 24 18.99 8.68 -7.34
C GLU F 24 18.51 9.62 -6.24
N THR F 25 17.49 10.39 -6.53
CA THR F 25 16.94 11.34 -5.58
C THR F 25 16.54 10.67 -4.28
N THR F 26 16.01 9.44 -4.38
CA THR F 26 15.51 8.73 -3.21
C THR F 26 16.47 7.83 -2.46
N ILE F 27 17.17 6.97 -3.19
CA ILE F 27 18.09 6.05 -2.54
C ILE F 27 19.54 6.27 -2.93
N GLY F 28 19.78 7.10 -3.94
CA GLY F 28 21.14 7.37 -4.37
C GLY F 28 22.01 7.86 -3.23
N GLY F 29 23.05 7.08 -2.89
CA GLY F 29 23.93 7.48 -1.81
C GLY F 29 23.53 7.04 -0.42
N ASN F 30 22.71 6.02 -0.32
CA ASN F 30 22.32 5.51 1.00
C ASN F 30 22.50 4.01 0.98
N ALA F 31 22.45 3.39 2.15
CA ALA F 31 22.62 1.95 2.24
C ALA F 31 21.32 1.31 2.74
N TYR F 32 21.14 0.04 2.43
CA TYR F 32 19.93 -0.65 2.85
C TYR F 32 19.69 -0.51 4.35
N GLN F 33 18.45 -0.19 4.72
CA GLN F 33 18.03 -0.05 6.12
C GLN F 33 16.57 -0.46 6.17
N HIS F 34 16.31 -1.70 6.56
CA HIS F 34 14.95 -2.23 6.61
C HIS F 34 13.82 -1.24 6.78
N ASP F 35 13.79 -0.60 7.94
CA ASP F 35 12.73 0.34 8.26
C ASP F 35 12.85 1.71 7.60
N LYS F 36 13.37 1.74 6.39
CA LYS F 36 13.49 2.99 5.66
C LYS F 36 13.21 2.69 4.21
N VAL F 37 13.39 1.44 3.84
CA VAL F 37 13.18 1.01 2.48
C VAL F 37 11.72 1.10 2.07
N ASN F 38 10.81 0.77 2.98
CA ASN F 38 9.41 0.84 2.60
C ASN F 38 9.03 2.26 2.23
N ASN F 39 9.66 3.23 2.88
CA ASN F 39 9.37 4.61 2.60
C ASN F 39 9.96 4.94 1.22
N TRP F 40 11.13 4.38 0.93
CA TRP F 40 11.81 4.63 -0.35
C TRP F 40 11.09 4.10 -1.58
N THR F 41 10.63 2.85 -1.56
CA THR F 41 9.96 2.32 -2.74
C THR F 41 8.75 3.18 -3.05
N GLY F 42 8.04 3.59 -2.00
CA GLY F 42 6.87 4.42 -2.17
C GLY F 42 7.19 5.76 -2.81
N GLN F 43 8.29 6.38 -2.39
CA GLN F 43 8.70 7.67 -2.93
C GLN F 43 9.03 7.50 -4.40
N VAL F 44 9.88 6.53 -4.71
CA VAL F 44 10.22 6.31 -6.09
C VAL F 44 8.96 6.16 -6.93
N VAL F 45 7.95 5.48 -6.41
CA VAL F 45 6.72 5.31 -7.18
C VAL F 45 5.99 6.64 -7.32
N GLU F 46 5.84 7.38 -6.23
CA GLU F 46 5.16 8.69 -6.27
C GLU F 46 5.94 9.67 -7.16
N ASN F 47 7.25 9.72 -6.98
CA ASN F 47 8.11 10.59 -7.76
C ASN F 47 7.82 10.39 -9.25
N CYS F 48 8.09 9.19 -9.73
CA CYS F 48 7.85 8.87 -11.13
C CYS F 48 6.42 9.18 -11.54
N LEU F 49 5.46 8.78 -10.72
CA LEU F 49 4.06 9.01 -11.06
C LEU F 49 3.65 10.48 -11.14
N THR F 50 4.23 11.30 -10.28
CA THR F 50 3.94 12.73 -10.26
C THR F 50 4.41 13.38 -11.57
N VAL F 51 5.67 13.14 -11.90
CA VAL F 51 6.25 13.69 -13.11
C VAL F 51 5.48 13.27 -14.35
N LEU F 52 5.11 12.01 -14.43
CA LEU F 52 4.38 11.48 -15.58
C LEU F 52 2.99 12.01 -15.77
N THR F 53 2.31 12.33 -14.67
CA THR F 53 0.94 12.80 -14.80
C THR F 53 0.73 14.28 -15.10
N LYS F 54 1.74 15.11 -14.86
CA LYS F 54 1.60 16.53 -15.15
C LYS F 54 1.08 16.81 -16.58
N GLU F 55 1.88 16.39 -17.55
CA GLU F 55 1.55 16.54 -18.97
C GLU F 55 0.25 15.84 -19.34
N GLN F 56 -0.81 16.11 -18.58
CA GLN F 56 -2.11 15.48 -18.78
C GLN F 56 -2.47 14.84 -20.13
N LYS F 57 -1.85 13.71 -20.46
CA LYS F 57 -2.10 12.99 -21.72
C LYS F 57 -3.23 11.99 -21.51
N PRO F 58 -3.86 11.54 -22.62
CA PRO F 58 -4.96 10.57 -22.51
C PRO F 58 -4.40 9.15 -22.23
N TYR F 59 -3.28 9.13 -21.51
CA TYR F 59 -2.57 7.90 -21.14
C TYR F 59 -2.74 7.47 -19.68
N LYS F 60 -2.65 6.17 -19.48
CA LYS F 60 -2.75 5.59 -18.16
C LYS F 60 -1.33 5.10 -17.84
N TYR F 61 -0.94 5.22 -16.59
CA TYR F 61 0.39 4.80 -16.19
C TYR F 61 0.37 3.82 -15.03
N ILE F 62 1.27 2.85 -15.06
CA ILE F 62 1.40 1.87 -13.98
C ILE F 62 2.88 1.89 -13.57
N VAL F 63 3.14 2.14 -12.30
CA VAL F 63 4.52 2.22 -11.81
C VAL F 63 4.83 1.27 -10.65
N THR F 64 5.84 0.42 -10.82
CA THR F 64 6.24 -0.54 -9.79
C THR F 64 7.71 -0.37 -9.44
N ALA F 65 8.02 -0.44 -8.15
CA ALA F 65 9.42 -0.30 -7.74
C ALA F 65 9.74 -1.34 -6.69
N ILE F 67 13.05 -2.94 -4.18
CA ILE F 67 14.41 -2.83 -3.69
C ILE F 67 14.76 -4.07 -2.90
N GLN F 69 17.78 -6.15 -0.75
CA GLN F 69 19.05 -6.03 -0.05
C GLN F 69 20.08 -6.99 -0.65
N LYS F 70 21.21 -6.46 -1.11
CA LYS F 70 22.25 -7.31 -1.68
C LYS F 70 22.69 -8.25 -0.56
N ASN F 71 22.56 -9.55 -0.84
CA ASN F 71 22.88 -10.58 0.14
C ASN F 71 23.18 -11.87 -0.61
N GLY F 72 23.75 -11.75 -1.80
CA GLY F 72 24.07 -12.92 -2.58
C GLY F 72 22.86 -13.74 -3.01
N ALA F 73 21.67 -13.24 -2.72
CA ALA F 73 20.46 -13.95 -3.10
C ALA F 73 20.16 -13.74 -4.58
N GLY F 74 19.48 -14.70 -5.20
CA GLY F 74 19.14 -14.56 -6.61
C GLY F 74 17.83 -13.82 -6.77
N LEU F 75 17.66 -13.13 -7.87
CA LEU F 75 16.44 -12.37 -8.14
C LEU F 75 16.16 -12.32 -9.63
N HIS F 76 14.94 -12.69 -10.02
CA HIS F 76 14.59 -12.67 -11.42
C HIS F 76 13.19 -12.09 -11.61
N THR F 77 13.03 -11.21 -12.59
CA THR F 77 11.73 -10.62 -12.83
C THR F 77 11.38 -10.81 -14.29
N ALA F 78 10.10 -10.78 -14.62
CA ALA F 78 9.62 -10.95 -15.98
C ALA F 78 8.31 -10.19 -16.14
N SER F 79 8.05 -9.64 -17.31
CA SER F 79 6.82 -8.90 -17.52
C SER F 79 6.47 -8.83 -18.99
N SER F 80 5.19 -8.62 -19.27
CA SER F 80 4.75 -8.50 -20.63
C SER F 80 3.34 -7.95 -20.64
N CYS F 81 2.83 -7.62 -21.81
CA CYS F 81 1.52 -7.02 -21.89
C CYS F 81 0.69 -7.47 -23.08
N TYR F 82 -0.57 -7.07 -23.05
CA TYR F 82 -1.52 -7.30 -24.13
C TYR F 82 -2.09 -5.90 -24.29
N TRP F 83 -1.48 -5.13 -25.17
CA TRP F 83 -1.90 -3.77 -25.36
C TRP F 83 -1.88 -3.41 -26.84
N ASN F 84 -1.74 -2.12 -27.11
CA ASN F 84 -1.65 -1.59 -28.45
C ASN F 84 -0.18 -1.31 -28.70
N ASN F 85 0.46 -2.17 -29.49
CA ASN F 85 1.87 -2.02 -29.78
C ASN F 85 2.24 -0.73 -30.49
N ASP F 86 1.26 -0.09 -31.11
CA ASP F 86 1.53 1.14 -31.82
C ASP F 86 1.46 2.37 -30.94
N THR F 87 0.83 2.26 -29.78
CA THR F 87 0.73 3.41 -28.89
C THR F 87 1.34 3.21 -27.51
N ASP F 88 1.02 2.10 -26.87
CA ASP F 88 1.52 1.82 -25.53
C ASP F 88 2.98 1.33 -25.47
N GLY F 89 3.71 1.80 -24.46
CA GLY F 89 5.10 1.42 -24.29
C GLY F 89 5.47 1.25 -22.83
N SER F 90 6.76 0.99 -22.56
CA SER F 90 7.22 0.79 -21.20
C SER F 90 8.74 0.88 -21.02
N CYS F 91 9.19 1.10 -19.80
CA CYS F 91 10.63 1.19 -19.52
C CYS F 91 10.96 0.57 -18.16
N THR F 92 11.90 -0.36 -18.15
CA THR F 92 12.31 -1.02 -16.91
C THR F 92 13.75 -0.66 -16.64
N VAL F 93 14.07 -0.27 -15.42
CA VAL F 93 15.43 0.12 -15.11
C VAL F 93 16.04 -0.68 -13.99
N ARG F 94 17.23 -1.25 -14.24
CA ARG F 94 17.97 -2.02 -13.25
C ARG F 94 18.87 -0.99 -12.56
N TRP F 95 19.09 -1.16 -11.27
CA TRP F 95 19.93 -0.22 -10.56
C TRP F 95 20.50 -0.94 -9.38
N GLU F 96 21.65 -0.48 -8.90
CA GLU F 96 22.26 -1.11 -7.76
C GLU F 96 23.40 -0.29 -7.21
N ASN F 97 23.66 -0.49 -5.93
CA ASN F 97 24.75 0.18 -5.26
C ASN F 97 25.37 -0.84 -4.34
N LYS F 98 26.21 -0.38 -3.43
CA LYS F 98 26.88 -1.28 -2.51
C LYS F 98 25.97 -2.24 -1.76
N THR F 99 24.85 -1.75 -1.26
CA THR F 99 23.97 -2.59 -0.46
C THR F 99 22.65 -3.11 -1.02
N TYR F 101 19.72 -3.73 -4.56
CA TYR F 101 19.33 -3.79 -5.98
C TYR F 101 18.00 -3.08 -6.08
N CYS F 102 17.77 -2.44 -7.21
CA CYS F 102 16.52 -1.73 -7.41
C CYS F 102 15.99 -1.98 -8.82
N ILE F 103 14.69 -2.17 -8.93
CA ILE F 103 14.12 -2.36 -10.24
C ILE F 103 12.85 -1.56 -10.31
N VAL F 104 12.77 -0.67 -11.28
CA VAL F 104 11.59 0.15 -11.42
C VAL F 104 11.01 -0.05 -12.82
N SER F 105 9.70 -0.04 -12.94
CA SER F 105 9.08 -0.23 -14.23
C SER F 105 7.94 0.74 -14.38
N VAL F 106 7.75 1.20 -15.61
CA VAL F 106 6.69 2.13 -15.91
C VAL F 106 6.04 1.64 -17.20
N PHE F 107 4.73 1.68 -17.24
CA PHE F 107 3.99 1.23 -18.40
C PHE F 107 3.05 2.34 -18.79
N GLY F 108 2.90 2.57 -20.09
CA GLY F 108 2.00 3.60 -20.53
C GLY F 108 0.99 3.09 -21.51
N LEU F 109 -0.28 3.34 -21.26
CA LEU F 109 -1.32 2.90 -22.17
C LEU F 109 -2.24 4.06 -22.51
N ALA F 110 -2.50 4.26 -23.79
CA ALA F 110 -3.37 5.35 -24.19
C ALA F 110 -4.84 5.02 -23.96
N VAL F 111 -5.70 5.96 -24.38
CA VAL F 111 -7.15 5.86 -24.25
C VAL F 111 -7.55 6.02 -22.79
N SER G 8 -16.13 -7.35 -20.23
CA SER G 8 -17.15 -6.99 -19.19
C SER G 8 -16.52 -6.09 -18.12
N GLN G 9 -15.72 -6.69 -17.23
CA GLN G 9 -15.06 -5.96 -16.15
C GLN G 9 -13.98 -6.80 -15.46
N PHE G 10 -13.05 -6.12 -14.80
CA PHE G 10 -11.95 -6.79 -14.10
C PHE G 10 -12.45 -7.44 -12.81
N ILE G 11 -12.42 -8.77 -12.77
CA ILE G 11 -12.88 -9.52 -11.60
C ILE G 11 -11.70 -10.06 -10.79
N VAL G 12 -11.35 -9.33 -9.74
CA VAL G 12 -10.25 -9.68 -8.87
C VAL G 12 -10.14 -11.15 -8.48
N ASP G 13 -11.25 -11.77 -8.11
CA ASP G 13 -11.25 -13.17 -7.69
C ASP G 13 -10.81 -14.13 -8.78
N ASP G 14 -11.25 -13.90 -10.01
CA ASP G 14 -10.86 -14.76 -11.12
C ASP G 14 -9.37 -14.58 -11.35
N VAL G 15 -8.97 -13.33 -11.55
CA VAL G 15 -7.58 -13.04 -11.80
C VAL G 15 -6.66 -13.65 -10.75
N SER G 16 -7.10 -13.61 -9.50
CA SER G 16 -6.30 -14.16 -8.41
C SER G 16 -6.17 -15.67 -8.59
N LYS G 17 -7.22 -16.28 -9.11
CA LYS G 17 -7.25 -17.72 -9.31
C LYS G 17 -6.25 -18.10 -10.40
N THR G 18 -6.28 -17.35 -11.49
CA THR G 18 -5.38 -17.59 -12.60
C THR G 18 -3.93 -17.48 -12.16
N ILE G 19 -3.64 -16.51 -11.31
CA ILE G 19 -2.29 -16.36 -10.86
C ILE G 19 -1.88 -17.52 -10.00
N LYS G 20 -2.63 -17.80 -8.93
CA LYS G 20 -2.26 -18.90 -8.07
C LYS G 20 -2.08 -20.16 -8.90
N GLU G 21 -2.99 -20.38 -9.84
CA GLU G 21 -2.90 -21.55 -10.70
C GLU G 21 -1.55 -21.57 -11.41
N ALA G 22 -1.31 -20.56 -12.22
CA ALA G 22 -0.06 -20.41 -12.97
C ALA G 22 1.13 -20.65 -12.06
N ILE G 23 1.14 -20.02 -10.90
CA ILE G 23 2.26 -20.20 -10.01
C ILE G 23 2.46 -21.67 -9.66
N GLU G 24 1.38 -22.32 -9.22
CA GLU G 24 1.45 -23.73 -8.82
C GLU G 24 2.00 -24.64 -9.90
N THR G 25 1.57 -24.41 -11.13
CA THR G 25 2.04 -25.22 -12.24
C THR G 25 3.55 -25.09 -12.42
N THR G 26 3.96 -23.88 -12.77
CA THR G 26 5.35 -23.56 -13.02
C THR G 26 6.33 -23.93 -11.92
N ILE G 27 6.12 -23.39 -10.74
CA ILE G 27 7.05 -23.64 -9.66
C ILE G 27 6.52 -24.50 -8.53
N GLY G 28 5.21 -24.77 -8.55
CA GLY G 28 4.63 -25.59 -7.50
C GLY G 28 5.42 -26.88 -7.31
N GLY G 29 6.05 -27.02 -6.15
CA GLY G 29 6.82 -28.22 -5.88
C GLY G 29 8.17 -28.25 -6.55
N ASN G 30 8.99 -27.24 -6.30
CA ASN G 30 10.34 -27.16 -6.85
C ASN G 30 11.22 -26.36 -5.91
N ALA G 31 12.50 -26.26 -6.24
CA ALA G 31 13.42 -25.52 -5.40
C ALA G 31 14.11 -24.51 -6.27
N TYR G 32 14.45 -23.36 -5.71
CA TYR G 32 15.12 -22.34 -6.48
C TYR G 32 16.29 -22.95 -7.24
N GLN G 33 16.37 -22.64 -8.53
CA GLN G 33 17.43 -23.13 -9.39
C GLN G 33 17.60 -22.12 -10.52
N HIS G 34 18.63 -21.28 -10.42
CA HIS G 34 18.88 -20.25 -11.43
C HIS G 34 18.63 -20.80 -12.83
N ASP G 35 18.83 -22.11 -12.96
CA ASP G 35 18.65 -22.81 -14.22
C ASP G 35 17.24 -22.54 -14.80
N LYS G 36 16.23 -23.08 -14.14
CA LYS G 36 14.85 -22.95 -14.60
C LYS G 36 14.13 -21.65 -14.24
N VAL G 37 14.70 -20.86 -13.35
CA VAL G 37 14.07 -19.61 -12.93
C VAL G 37 13.66 -18.68 -14.07
N ASN G 38 14.58 -18.35 -14.96
CA ASN G 38 14.28 -17.46 -16.08
C ASN G 38 13.06 -17.98 -16.82
N ASN G 39 13.03 -19.28 -17.09
CA ASN G 39 11.92 -19.84 -17.82
C ASN G 39 10.63 -19.92 -17.00
N TRP G 40 10.75 -20.07 -15.69
CA TRP G 40 9.57 -20.12 -14.82
C TRP G 40 8.86 -18.77 -14.81
N THR G 41 9.55 -17.74 -14.35
CA THR G 41 8.96 -16.41 -14.31
C THR G 41 8.37 -16.08 -15.66
N GLY G 42 9.05 -16.48 -16.72
CA GLY G 42 8.54 -16.19 -18.04
C GLY G 42 7.24 -16.91 -18.30
N GLN G 43 7.18 -18.20 -17.98
CA GLN G 43 5.97 -19.00 -18.19
C GLN G 43 4.82 -18.49 -17.37
N VAL G 44 5.11 -18.03 -16.17
CA VAL G 44 4.07 -17.50 -15.30
C VAL G 44 3.32 -16.34 -15.94
N VAL G 45 4.06 -15.36 -16.46
CA VAL G 45 3.39 -14.23 -17.07
C VAL G 45 2.67 -14.68 -18.32
N GLU G 46 3.34 -15.49 -19.13
CA GLU G 46 2.74 -15.97 -20.37
C GLU G 46 1.46 -16.77 -20.14
N ASN G 47 1.43 -17.60 -19.09
CA ASN G 47 0.24 -18.39 -18.79
C ASN G 47 -0.90 -17.46 -18.42
N CYS G 48 -0.70 -16.64 -17.41
CA CYS G 48 -1.73 -15.70 -17.00
C CYS G 48 -2.27 -14.96 -18.23
N LEU G 49 -1.36 -14.40 -19.02
CA LEU G 49 -1.73 -13.68 -20.22
C LEU G 49 -2.55 -14.54 -21.15
N THR G 50 -2.15 -15.80 -21.32
CA THR G 50 -2.86 -16.72 -22.19
C THR G 50 -4.31 -16.83 -21.75
N VAL G 51 -4.50 -17.08 -20.46
CA VAL G 51 -5.81 -17.23 -19.88
C VAL G 51 -6.64 -15.95 -19.93
N LEU G 52 -6.05 -14.85 -19.48
CA LEU G 52 -6.73 -13.56 -19.44
C LEU G 52 -7.29 -13.14 -20.79
N THR G 53 -6.44 -13.20 -21.81
CA THR G 53 -6.84 -12.80 -23.15
C THR G 53 -7.91 -13.71 -23.73
N LYS G 54 -7.80 -15.01 -23.47
CA LYS G 54 -8.76 -15.97 -23.99
C LYS G 54 -10.21 -15.61 -23.67
N GLU G 55 -10.44 -14.97 -22.54
CA GLU G 55 -11.80 -14.61 -22.12
C GLU G 55 -12.43 -13.54 -22.99
N GLN G 56 -11.72 -13.11 -24.03
CA GLN G 56 -12.23 -12.11 -24.96
C GLN G 56 -12.80 -10.82 -24.35
N LYS G 57 -12.41 -10.48 -23.13
CA LYS G 57 -12.90 -9.26 -22.50
C LYS G 57 -12.27 -8.02 -23.12
N PRO G 58 -12.94 -6.86 -22.99
CA PRO G 58 -12.42 -5.61 -23.56
C PRO G 58 -11.33 -4.94 -22.72
N TYR G 59 -10.27 -5.68 -22.41
CA TYR G 59 -9.20 -5.14 -21.57
C TYR G 59 -7.77 -5.32 -22.04
N LYS G 60 -6.91 -4.43 -21.59
CA LYS G 60 -5.49 -4.50 -21.86
C LYS G 60 -4.99 -5.07 -20.55
N TYR G 61 -3.99 -5.95 -20.60
CA TYR G 61 -3.46 -6.54 -19.39
C TYR G 61 -1.96 -6.36 -19.29
N ILE G 62 -1.46 -6.27 -18.05
CA ILE G 62 -0.04 -6.18 -17.81
C ILE G 62 0.23 -7.20 -16.72
N VAL G 63 1.21 -8.06 -16.96
CA VAL G 63 1.55 -9.11 -15.99
C VAL G 63 3.04 -9.07 -15.66
N THR G 64 3.38 -9.10 -14.39
CA THR G 64 4.77 -9.09 -14.00
C THR G 64 4.92 -10.11 -12.90
N ALA G 65 6.06 -10.78 -12.89
CA ALA G 65 6.32 -11.79 -11.90
C ALA G 65 7.77 -11.68 -11.49
N ILE G 67 10.72 -13.76 -8.85
CA ILE G 67 11.03 -14.83 -7.95
C ILE G 67 12.35 -14.52 -7.29
N GLN G 69 15.18 -15.90 -4.54
CA GLN G 69 15.68 -17.08 -3.86
C GLN G 69 15.63 -16.79 -2.37
N LYS G 70 14.77 -17.50 -1.66
CA LYS G 70 14.64 -17.30 -0.22
C LYS G 70 16.04 -17.43 0.35
N ASN G 71 16.44 -16.47 1.16
CA ASN G 71 17.79 -16.50 1.69
C ASN G 71 18.02 -15.52 2.83
N GLY G 72 16.93 -15.02 3.40
CA GLY G 72 17.04 -14.07 4.50
C GLY G 72 17.41 -12.66 4.07
N ALA G 73 17.04 -12.30 2.84
CA ALA G 73 17.34 -10.96 2.33
C ALA G 73 16.06 -10.14 2.40
N GLY G 74 16.19 -8.85 2.67
CA GLY G 74 15.03 -7.98 2.73
C GLY G 74 14.53 -7.66 1.33
N LEU G 75 13.22 -7.70 1.13
CA LEU G 75 12.63 -7.40 -0.17
C LEU G 75 11.46 -6.43 0.05
N HIS G 76 11.37 -5.40 -0.79
CA HIS G 76 10.31 -4.42 -0.65
C HIS G 76 9.80 -3.97 -2.01
N THR G 77 8.48 -3.97 -2.19
CA THR G 77 7.93 -3.54 -3.45
C THR G 77 6.79 -2.59 -3.20
N ALA G 78 6.46 -1.79 -4.22
CA ALA G 78 5.37 -0.83 -4.14
C ALA G 78 4.83 -0.57 -5.53
N SER G 79 3.53 -0.37 -5.63
CA SER G 79 2.98 -0.09 -6.94
C SER G 79 1.71 0.75 -6.84
N SER G 80 1.56 1.66 -7.78
CA SER G 80 0.37 2.50 -7.85
C SER G 80 0.07 2.80 -9.32
N CYS G 81 -1.06 3.41 -9.58
CA CYS G 81 -1.46 3.69 -10.96
C CYS G 81 -2.19 5.01 -11.12
N TYR G 82 -2.28 5.45 -12.37
CA TYR G 82 -3.02 6.65 -12.71
C TYR G 82 -3.86 6.11 -13.84
N TRP G 83 -5.10 5.74 -13.52
CA TRP G 83 -5.99 5.12 -14.48
C TRP G 83 -7.44 5.46 -14.18
N ASN G 84 -8.36 4.66 -14.72
CA ASN G 84 -9.78 4.84 -14.50
C ASN G 84 -10.14 4.00 -13.28
N ASN G 85 -10.20 4.63 -12.13
CA ASN G 85 -10.50 3.89 -10.90
C ASN G 85 -11.85 3.23 -10.92
N ASP G 86 -12.59 3.42 -12.00
CA ASP G 86 -13.91 2.84 -12.09
C ASP G 86 -13.99 1.59 -12.96
N THR G 87 -13.14 1.52 -13.98
CA THR G 87 -13.16 0.39 -14.88
C THR G 87 -11.89 -0.44 -14.85
N ASP G 88 -10.84 0.08 -14.23
CA ASP G 88 -9.59 -0.67 -14.21
C ASP G 88 -9.38 -1.39 -12.89
N GLY G 89 -8.45 -2.35 -12.87
CA GLY G 89 -8.22 -3.11 -11.65
C GLY G 89 -6.87 -3.81 -11.62
N SER G 90 -6.58 -4.47 -10.50
CA SER G 90 -5.30 -5.16 -10.34
C SER G 90 -5.37 -6.15 -9.19
N CYS G 91 -4.47 -7.12 -9.22
CA CYS G 91 -4.41 -8.13 -8.18
C CYS G 91 -2.95 -8.56 -8.05
N THR G 92 -2.45 -8.54 -6.83
CA THR G 92 -1.08 -8.94 -6.57
C THR G 92 -1.09 -10.14 -5.65
N VAL G 93 -0.50 -11.25 -6.09
CA VAL G 93 -0.48 -12.44 -5.26
C VAL G 93 0.90 -12.74 -4.74
N ARG G 94 0.99 -13.06 -3.45
CA ARG G 94 2.25 -13.43 -2.82
C ARG G 94 2.21 -14.96 -2.75
N TRP G 95 3.35 -15.59 -2.99
CA TRP G 95 3.44 -17.05 -2.93
C TRP G 95 4.85 -17.39 -2.53
N GLU G 96 4.99 -18.31 -1.58
CA GLU G 96 6.31 -18.69 -1.14
C GLU G 96 6.32 -20.15 -0.75
N ASN G 97 7.52 -20.72 -0.69
CA ASN G 97 7.70 -22.11 -0.30
C ASN G 97 9.05 -22.19 0.38
N LYS G 98 9.55 -23.42 0.48
CA LYS G 98 10.82 -23.69 1.13
C LYS G 98 11.98 -22.78 0.67
N THR G 99 12.15 -22.65 -0.64
CA THR G 99 13.26 -21.86 -1.16
C THR G 99 12.91 -20.64 -2.02
N TYR G 101 10.49 -16.97 -2.91
CA TYR G 101 9.54 -15.91 -2.61
C TYR G 101 9.05 -15.56 -3.99
N CYS G 102 7.75 -15.56 -4.19
CA CYS G 102 7.24 -15.23 -5.50
C CYS G 102 6.13 -14.20 -5.43
N ILE G 103 6.24 -13.14 -6.21
CA ILE G 103 5.21 -12.10 -6.25
C ILE G 103 4.75 -11.98 -7.68
N VAL G 104 3.45 -11.87 -7.89
CA VAL G 104 2.91 -11.70 -9.23
C VAL G 104 1.80 -10.65 -9.26
N SER G 105 1.73 -9.90 -10.34
CA SER G 105 0.72 -8.88 -10.42
C SER G 105 0.14 -8.81 -11.80
N VAL G 106 -1.14 -8.48 -11.87
CA VAL G 106 -1.78 -8.35 -13.16
C VAL G 106 -2.62 -7.09 -13.07
N PHE G 107 -2.49 -6.25 -14.09
CA PHE G 107 -3.22 -4.99 -14.15
C PHE G 107 -4.12 -5.00 -15.36
N GLY G 108 -5.40 -4.75 -15.13
CA GLY G 108 -6.36 -4.72 -16.22
C GLY G 108 -6.83 -3.32 -16.50
N LEU G 109 -6.55 -2.82 -17.71
CA LEU G 109 -6.99 -1.48 -18.08
C LEU G 109 -7.97 -1.57 -19.22
N ALA G 110 -9.10 -0.92 -19.03
CA ALA G 110 -10.16 -0.93 -20.02
C ALA G 110 -9.73 -0.38 -21.38
N VAL G 111 -10.44 -0.83 -22.42
CA VAL G 111 -10.23 -0.44 -23.81
C VAL G 111 -10.00 1.06 -24.04
N GLN H 9 -5.69 -13.13 25.64
CA GLN H 9 -6.71 -12.04 25.67
C GLN H 9 -6.26 -10.72 25.03
N PHE H 10 -7.23 -9.81 24.90
CA PHE H 10 -6.96 -8.50 24.32
C PHE H 10 -7.08 -7.48 25.43
N ILE H 11 -5.95 -7.00 25.92
CA ILE H 11 -5.98 -5.99 26.99
C ILE H 11 -5.99 -4.61 26.34
N VAL H 12 -7.17 -4.02 26.23
CA VAL H 12 -7.31 -2.71 25.61
C VAL H 12 -6.24 -1.71 26.04
N ASP H 13 -5.99 -1.61 27.34
CA ASP H 13 -5.00 -0.67 27.85
C ASP H 13 -3.59 -0.82 27.32
N ASP H 14 -3.19 -2.06 27.05
CA ASP H 14 -1.85 -2.31 26.52
C ASP H 14 -1.79 -1.75 25.10
N VAL H 15 -2.77 -2.18 24.29
CA VAL H 15 -2.86 -1.76 22.90
C VAL H 15 -2.87 -0.23 22.88
N SER H 16 -3.73 0.34 23.71
CA SER H 16 -3.82 1.79 23.80
C SER H 16 -2.44 2.44 23.94
N LYS H 17 -1.62 1.94 24.87
CA LYS H 17 -0.28 2.49 25.09
C LYS H 17 0.58 2.37 23.84
N THR H 18 0.59 1.18 23.24
CA THR H 18 1.37 0.96 22.03
C THR H 18 1.04 2.01 20.97
N ILE H 19 -0.26 2.16 20.67
CA ILE H 19 -0.72 3.10 19.68
C ILE H 19 -0.28 4.52 19.99
N LYS H 20 -0.57 4.98 21.20
CA LYS H 20 -0.20 6.32 21.60
C LYS H 20 1.30 6.54 21.40
N GLU H 21 2.09 5.54 21.75
CA GLU H 21 3.54 5.65 21.61
C GLU H 21 3.95 5.73 20.15
N ALA H 22 3.37 4.86 19.33
CA ALA H 22 3.68 4.84 17.91
C ALA H 22 3.36 6.19 17.28
N ILE H 23 2.24 6.80 17.69
CA ILE H 23 1.85 8.08 17.13
C ILE H 23 2.84 9.16 17.54
N GLU H 24 3.01 9.31 18.86
CA GLU H 24 3.92 10.31 19.41
C GLU H 24 5.30 10.17 18.80
N THR H 25 5.72 8.94 18.61
CA THR H 25 7.02 8.65 18.04
C THR H 25 7.14 8.96 16.57
N THR H 26 6.10 8.66 15.82
CA THR H 26 6.13 8.88 14.39
C THR H 26 5.84 10.32 14.00
N ILE H 27 4.80 10.92 14.58
CA ILE H 27 4.48 12.29 14.22
C ILE H 27 4.48 13.29 15.35
N GLY H 28 4.76 12.83 16.56
CA GLY H 28 4.78 13.73 17.71
C GLY H 28 5.59 14.99 17.46
N GLY H 29 4.97 16.13 17.72
CA GLY H 29 5.64 17.41 17.54
C GLY H 29 6.04 17.78 16.11
N ASN H 30 5.33 17.25 15.11
CA ASN H 30 5.63 17.57 13.71
C ASN H 30 4.53 18.40 13.09
N ALA H 31 4.73 18.82 11.85
CA ALA H 31 3.73 19.60 11.15
C ALA H 31 3.39 18.92 9.85
N TYR H 32 2.11 18.89 9.53
CA TYR H 32 1.69 18.27 8.29
C TYR H 32 2.44 18.78 7.07
N GLN H 33 2.75 17.86 6.16
CA GLN H 33 3.40 18.17 4.90
C GLN H 33 3.31 16.96 3.99
N HIS H 34 2.39 17.04 3.04
CA HIS H 34 2.13 15.96 2.09
C HIS H 34 3.21 14.91 1.85
N ASP H 35 4.40 15.37 1.49
CA ASP H 35 5.53 14.51 1.19
C ASP H 35 6.21 13.85 2.40
N LYS H 36 5.42 13.45 3.39
CA LYS H 36 5.97 12.80 4.58
C LYS H 36 4.85 12.04 5.28
N VAL H 37 3.63 12.50 5.10
CA VAL H 37 2.50 11.89 5.76
C VAL H 37 2.30 10.43 5.39
N ASN H 38 2.49 10.10 4.12
CA ASN H 38 2.31 8.72 3.75
C ASN H 38 3.39 7.83 4.28
N ASN H 39 4.52 8.44 4.64
CA ASN H 39 5.59 7.65 5.22
C ASN H 39 5.24 7.49 6.68
N TRP H 40 4.60 8.48 7.28
CA TRP H 40 4.25 8.39 8.69
C TRP H 40 3.11 7.42 8.94
N THR H 41 2.05 7.46 8.14
CA THR H 41 0.93 6.55 8.36
C THR H 41 1.45 5.12 8.35
N GLY H 42 2.31 4.81 7.39
CA GLY H 42 2.86 3.47 7.30
C GLY H 42 3.68 3.08 8.52
N GLN H 43 4.50 4.01 9.01
CA GLN H 43 5.33 3.74 10.17
C GLN H 43 4.49 3.45 11.40
N VAL H 44 3.38 4.14 11.54
CA VAL H 44 2.51 3.92 12.69
C VAL H 44 1.93 2.52 12.59
N VAL H 45 1.51 2.14 11.39
CA VAL H 45 0.93 0.82 11.20
C VAL H 45 1.95 -0.26 11.47
N GLU H 46 3.18 -0.05 10.99
CA GLU H 46 4.24 -1.03 11.17
C GLU H 46 4.68 -1.09 12.63
N ASN H 47 4.86 0.07 13.24
CA ASN H 47 5.25 0.14 14.63
C ASN H 47 4.27 -0.71 15.43
N CYS H 48 3.00 -0.30 15.40
CA CYS H 48 1.95 -1.02 16.12
C CYS H 48 1.95 -2.53 15.82
N LEU H 49 1.96 -2.90 14.55
CA LEU H 49 1.95 -4.31 14.19
C LEU H 49 3.13 -5.07 14.77
N THR H 50 4.33 -4.54 14.58
CA THR H 50 5.53 -5.18 15.10
C THR H 50 5.46 -5.43 16.60
N VAL H 51 4.99 -4.44 17.33
CA VAL H 51 4.89 -4.62 18.76
C VAL H 51 3.88 -5.69 19.12
N LEU H 52 2.67 -5.57 18.60
CA LEU H 52 1.62 -6.53 18.90
C LEU H 52 1.93 -7.97 18.51
N THR H 53 2.69 -8.16 17.43
CA THR H 53 2.99 -9.51 16.97
C THR H 53 4.21 -10.19 17.58
N LYS H 54 4.97 -9.48 18.40
CA LYS H 54 6.15 -10.09 19.00
C LYS H 54 5.70 -11.14 19.99
N GLU H 55 4.70 -10.76 20.78
CA GLU H 55 4.10 -11.62 21.79
C GLU H 55 3.84 -13.02 21.25
N GLN H 56 3.46 -13.11 19.97
CA GLN H 56 3.13 -14.36 19.29
C GLN H 56 1.84 -15.03 19.78
N LYS H 57 1.00 -14.26 20.47
CA LYS H 57 -0.28 -14.76 20.96
C LYS H 57 -1.09 -15.33 19.80
N PRO H 58 -2.10 -16.17 20.10
CA PRO H 58 -2.96 -16.79 19.07
C PRO H 58 -4.03 -15.82 18.54
N TYR H 59 -3.62 -14.58 18.31
CA TYR H 59 -4.54 -13.57 17.80
C TYR H 59 -4.11 -13.01 16.45
N LYS H 60 -5.11 -12.69 15.64
CA LYS H 60 -4.88 -12.07 14.35
C LYS H 60 -5.08 -10.60 14.67
N TYR H 61 -4.36 -9.73 13.97
CA TYR H 61 -4.48 -8.30 14.21
C TYR H 61 -4.68 -7.49 12.94
N ILE H 62 -5.56 -6.48 13.03
CA ILE H 62 -5.80 -5.58 11.90
C ILE H 62 -5.47 -4.20 12.42
N VAL H 63 -4.64 -3.47 11.70
CA VAL H 63 -4.22 -2.14 12.13
C VAL H 63 -4.40 -1.11 11.05
N THR H 64 -5.08 -0.03 11.37
CA THR H 64 -5.30 1.04 10.39
C THR H 64 -4.91 2.37 11.00
N ALA H 65 -4.30 3.23 10.19
CA ALA H 65 -3.88 4.55 10.64
C ALA H 65 -4.29 5.59 9.60
N ILE H 67 -4.33 9.96 8.79
CA ILE H 67 -3.91 11.29 9.18
C ILE H 67 -4.53 12.31 8.24
N GLN H 69 -5.08 16.48 7.33
CA GLN H 69 -4.57 17.82 7.58
C GLN H 69 -5.65 18.74 8.15
N LYS H 70 -5.33 19.47 9.21
CA LYS H 70 -6.30 20.38 9.78
C LYS H 70 -6.51 21.47 8.74
N ASN H 71 -7.77 21.72 8.42
CA ASN H 71 -8.11 22.67 7.38
C ASN H 71 -9.51 23.21 7.59
N GLY H 72 -10.18 22.70 8.62
CA GLY H 72 -11.53 23.17 8.89
C GLY H 72 -12.55 22.15 8.40
N ALA H 73 -12.11 21.23 7.56
CA ALA H 73 -12.99 20.18 7.07
C ALA H 73 -13.39 19.25 8.20
N GLY H 74 -14.58 18.67 8.08
CA GLY H 74 -15.07 17.75 9.06
C GLY H 74 -14.71 16.33 8.69
N LEU H 75 -14.55 15.49 9.70
CA LEU H 75 -14.19 14.11 9.51
C LEU H 75 -15.01 13.21 10.43
N HIS H 76 -15.55 12.14 9.90
CA HIS H 76 -16.34 11.24 10.72
C HIS H 76 -15.90 9.82 10.39
N THR H 77 -15.75 8.99 11.42
CA THR H 77 -15.38 7.59 11.18
C THR H 77 -16.32 6.70 11.96
N ALA H 78 -16.43 5.45 11.53
CA ALA H 78 -17.29 4.51 12.23
C ALA H 78 -16.73 3.10 12.00
N SER H 79 -16.85 2.25 13.01
CA SER H 79 -16.35 0.88 12.87
C SER H 79 -17.12 -0.05 13.77
N SER H 80 -17.18 -1.31 13.37
CA SER H 80 -17.84 -2.34 14.16
C SER H 80 -17.48 -3.72 13.65
N CYS H 81 -17.77 -4.75 14.43
CA CYS H 81 -17.41 -6.09 13.99
C CYS H 81 -18.39 -7.18 14.35
N TYR H 82 -18.23 -8.31 13.68
CA TYR H 82 -19.03 -9.50 13.94
C TYR H 82 -17.90 -10.44 14.34
N TRP H 83 -17.75 -10.67 15.64
CA TRP H 83 -16.67 -11.52 16.14
C TRP H 83 -17.07 -12.21 17.43
N ASN H 84 -16.08 -12.75 18.13
CA ASN H 84 -16.31 -13.43 19.39
C ASN H 84 -16.20 -12.37 20.48
N ASN H 85 -17.32 -11.87 20.94
CA ASN H 85 -17.31 -10.85 21.98
C ASN H 85 -16.64 -11.27 23.29
N ASP H 86 -16.16 -12.51 23.37
CA ASP H 86 -15.55 -12.97 24.60
C ASP H 86 -14.04 -13.05 24.53
N THR H 87 -13.51 -13.08 23.32
CA THR H 87 -12.08 -13.17 23.14
C THR H 87 -11.52 -12.02 22.33
N ASP H 88 -12.25 -11.61 21.31
CA ASP H 88 -11.80 -10.53 20.45
C ASP H 88 -12.01 -9.15 21.05
N GLY H 89 -11.22 -8.17 20.58
CA GLY H 89 -11.34 -6.81 21.09
C GLY H 89 -10.70 -5.75 20.19
N SER H 90 -10.90 -4.48 20.52
CA SER H 90 -10.34 -3.40 19.73
C SER H 90 -10.06 -2.12 20.52
N CYS H 91 -9.27 -1.22 19.93
CA CYS H 91 -8.95 0.04 20.57
C CYS H 91 -8.73 1.10 19.48
N THR H 92 -9.45 2.22 19.58
CA THR H 92 -9.31 3.31 18.63
C THR H 92 -8.78 4.54 19.37
N VAL H 93 -7.73 5.15 18.85
CA VAL H 93 -7.17 6.32 19.51
C VAL H 93 -7.29 7.55 18.63
N ARG H 94 -7.77 8.65 19.23
CA ARG H 94 -7.90 9.94 18.53
C ARG H 94 -6.75 10.79 19.00
N TRP H 95 -6.12 11.48 18.06
CA TRP H 95 -4.98 12.33 18.38
C TRP H 95 -5.01 13.53 17.46
N GLU H 96 -4.50 14.65 17.93
CA GLU H 96 -4.48 15.84 17.11
C GLU H 96 -3.42 16.77 17.61
N ASN H 97 -2.87 17.55 16.70
CA ASN H 97 -1.87 18.50 17.08
C ASN H 97 -2.25 19.76 16.29
N LYS H 98 -1.41 20.78 16.34
CA LYS H 98 -1.69 22.05 15.67
C LYS H 98 -2.07 21.96 14.20
N THR H 99 -1.43 21.06 13.45
CA THR H 99 -1.71 20.98 12.02
C THR H 99 -2.40 19.72 11.49
N TYR H 101 -4.85 15.85 12.29
CA TYR H 101 -5.68 14.91 13.06
C TYR H 101 -5.19 13.49 12.79
N CYS H 102 -5.31 12.62 13.78
CA CYS H 102 -4.88 11.25 13.61
C CYS H 102 -5.77 10.25 14.32
N ILE H 103 -6.19 9.23 13.59
CA ILE H 103 -6.99 8.19 14.19
C ILE H 103 -6.29 6.89 13.90
N VAL H 104 -6.15 6.07 14.92
CA VAL H 104 -5.50 4.79 14.75
C VAL H 104 -6.34 3.74 15.45
N SER H 105 -6.69 2.69 14.73
CA SER H 105 -7.48 1.64 15.36
C SER H 105 -6.80 0.28 15.19
N VAL H 106 -6.97 -0.55 16.22
CA VAL H 106 -6.38 -1.88 16.26
C VAL H 106 -7.43 -2.91 16.63
N PHE H 107 -7.58 -3.92 15.78
CA PHE H 107 -8.56 -4.97 16.04
C PHE H 107 -7.82 -6.30 16.26
N GLY H 108 -8.13 -6.97 17.36
CA GLY H 108 -7.52 -8.26 17.65
C GLY H 108 -8.55 -9.39 17.69
N LEU H 109 -8.40 -10.37 16.81
CA LEU H 109 -9.34 -11.47 16.81
C LEU H 109 -8.62 -12.77 17.09
N ALA H 110 -9.11 -13.50 18.08
CA ALA H 110 -8.52 -14.77 18.44
C ALA H 110 -8.56 -15.71 17.25
N VAL H 111 -7.48 -16.49 17.08
CA VAL H 111 -7.39 -17.43 15.98
C VAL H 111 -8.31 -18.62 16.24
N LYS I 6 -4.94 -4.45 -34.15
CA LYS I 6 -5.21 -3.55 -33.00
C LYS I 6 -4.35 -3.94 -31.79
N LEU I 7 -4.82 -4.91 -31.00
CA LEU I 7 -4.09 -5.33 -29.80
C LEU I 7 -3.23 -6.58 -29.98
N GLY I 8 -2.02 -6.55 -29.41
CA GLY I 8 -1.14 -7.70 -29.51
C GLY I 8 -0.26 -7.79 -28.28
N MET I 9 0.62 -8.80 -28.23
CA MET I 9 1.50 -8.96 -27.09
C MET I 9 2.78 -8.16 -27.27
N ALA I 10 3.54 -8.02 -26.21
CA ALA I 10 4.77 -7.27 -26.27
C ALA I 10 5.90 -8.23 -26.01
N LYS I 11 7.11 -7.69 -25.90
CA LYS I 11 8.28 -8.51 -25.64
C LYS I 11 8.17 -8.98 -24.20
N ILE I 12 8.98 -9.96 -23.83
CA ILE I 12 8.97 -10.43 -22.47
C ILE I 12 10.21 -9.84 -21.88
N THR I 13 10.09 -8.69 -21.23
CA THR I 13 11.27 -8.07 -20.61
C THR I 13 11.64 -8.88 -19.37
N GLN I 14 12.92 -9.19 -19.22
CA GLN I 14 13.37 -9.96 -18.08
C GLN I 14 14.63 -9.38 -17.43
N VAL I 15 14.71 -9.46 -16.12
CA VAL I 15 15.88 -8.96 -15.44
C VAL I 15 16.44 -10.15 -14.68
N ASP I 16 17.75 -10.17 -14.49
CA ASP I 16 18.39 -11.30 -13.84
C ASP I 16 19.55 -10.88 -12.95
N PHE I 17 19.44 -11.21 -11.67
CA PHE I 17 20.47 -10.91 -10.70
C PHE I 17 20.78 -12.30 -10.19
N PRO I 18 21.86 -12.92 -10.68
CA PRO I 18 22.29 -14.27 -10.30
C PRO I 18 22.80 -14.37 -8.88
N PRO I 19 22.66 -15.56 -8.26
CA PRO I 19 23.13 -15.76 -6.89
C PRO I 19 24.63 -15.93 -6.91
N ARG I 20 25.33 -15.60 -5.83
CA ARG I 20 26.77 -15.78 -5.83
C ARG I 20 27.03 -17.27 -5.84
N GLU I 21 28.10 -17.67 -6.50
CA GLU I 21 28.46 -19.07 -6.59
C GLU I 21 29.82 -19.32 -6.00
N ILE I 22 30.04 -20.55 -5.56
CA ILE I 22 31.33 -20.92 -5.02
C ILE I 22 31.77 -22.16 -5.79
N VAL I 23 33.06 -22.34 -6.00
CA VAL I 23 33.52 -23.51 -6.73
C VAL I 23 33.48 -24.66 -5.74
N THR I 24 32.89 -25.77 -6.16
CA THR I 24 32.78 -26.94 -5.29
C THR I 24 33.29 -28.25 -5.88
N TYR I 25 33.44 -29.25 -5.02
CA TYR I 25 33.91 -30.59 -5.40
C TYR I 25 33.18 -31.67 -4.62
N THR I 26 33.18 -32.88 -5.17
CA THR I 26 32.53 -34.00 -4.51
C THR I 26 33.62 -35.04 -4.29
N LYS I 27 33.90 -35.34 -3.02
CA LYS I 27 34.93 -36.31 -2.65
C LYS I 27 34.34 -37.56 -2.00
N GLU I 28 35.16 -38.61 -1.90
CA GLU I 28 34.75 -39.86 -1.28
C GLU I 28 35.86 -40.29 -0.35
N THR I 29 35.51 -40.95 0.76
CA THR I 29 36.51 -41.42 1.70
C THR I 29 36.13 -42.83 2.10
N GLN I 30 37.10 -43.58 2.58
CA GLN I 30 36.84 -44.95 3.01
C GLN I 30 37.95 -45.45 3.91
N THR I 31 37.58 -45.95 5.09
CA THR I 31 38.58 -46.46 6.01
C THR I 31 39.21 -47.72 5.42
N PRO I 32 40.49 -47.95 5.71
CA PRO I 32 41.16 -49.14 5.18
C PRO I 32 40.74 -50.42 5.89
N ILE J 5 -18.83 -21.78 19.63
CA ILE J 5 -18.38 -20.44 19.14
C ILE J 5 -19.53 -19.48 18.93
N LYS J 6 -19.84 -18.67 19.95
CA LYS J 6 -20.93 -17.71 19.86
C LYS J 6 -20.45 -16.39 19.25
N LEU J 7 -20.78 -16.17 17.98
CA LEU J 7 -20.37 -14.93 17.34
C LEU J 7 -21.49 -13.90 17.47
N GLY J 8 -21.10 -12.63 17.56
CA GLY J 8 -22.09 -11.57 17.70
C GLY J 8 -21.52 -10.22 17.32
N MET J 9 -22.41 -9.27 17.08
CA MET J 9 -22.01 -7.92 16.70
C MET J 9 -21.28 -7.22 17.84
N ALA J 10 -20.42 -6.27 17.50
CA ALA J 10 -19.65 -5.53 18.50
C ALA J 10 -20.23 -4.13 18.62
N LYS J 11 -19.72 -3.37 19.57
CA LYS J 11 -20.24 -2.02 19.73
C LYS J 11 -19.79 -1.20 18.53
N ILE J 12 -20.42 -0.05 18.32
CA ILE J 12 -20.08 0.79 17.20
C ILE J 12 -19.23 1.93 17.72
N THR J 13 -18.02 2.03 17.22
CA THR J 13 -17.11 3.09 17.64
C THR J 13 -17.11 4.18 16.60
N GLN J 14 -17.27 5.42 17.05
CA GLN J 14 -17.30 6.58 16.16
C GLN J 14 -16.45 7.76 16.61
N VAL J 15 -15.85 8.42 15.65
CA VAL J 15 -15.05 9.58 15.95
C VAL J 15 -15.63 10.70 15.09
N ASP J 16 -15.81 11.87 15.70
CA ASP J 16 -16.39 13.02 15.01
C ASP J 16 -15.55 14.26 15.25
N PHE J 17 -14.90 14.75 14.20
CA PHE J 17 -14.10 15.96 14.24
C PHE J 17 -14.94 16.93 13.43
N PRO J 18 -15.71 17.81 14.10
CA PRO J 18 -16.58 18.79 13.42
C PRO J 18 -15.83 19.79 12.58
N PRO J 19 -16.47 20.32 11.54
CA PRO J 19 -15.83 21.31 10.68
C PRO J 19 -15.82 22.67 11.37
N ARG J 20 -14.82 23.48 11.06
CA ARG J 20 -14.71 24.79 11.67
C ARG J 20 -15.12 25.90 10.69
N GLU J 21 -16.05 26.75 11.12
CA GLU J 21 -16.52 27.84 10.29
C GLU J 21 -16.30 29.25 10.85
N ILE J 22 -16.74 30.24 10.09
CA ILE J 22 -16.63 31.63 10.49
C ILE J 22 -18.01 32.11 10.93
N VAL J 23 -18.07 32.94 11.95
CA VAL J 23 -19.35 33.44 12.41
C VAL J 23 -19.89 34.35 11.32
N THR J 24 -21.13 34.12 10.91
CA THR J 24 -21.74 34.90 9.85
C THR J 24 -23.04 35.55 10.24
N TYR J 25 -23.49 36.43 9.34
CA TYR J 25 -24.74 37.16 9.46
C TYR J 25 -25.41 37.30 8.12
N THR J 26 -26.67 37.68 8.15
CA THR J 26 -27.43 37.88 6.94
C THR J 26 -27.88 39.33 6.86
N LYS J 27 -27.87 39.89 5.65
CA LYS J 27 -28.26 41.28 5.45
C LYS J 27 -29.15 41.53 4.23
N GLU J 28 -29.96 42.59 4.30
CA GLU J 28 -30.84 43.00 3.22
C GLU J 28 -30.50 44.45 2.90
N THR J 29 -30.55 44.82 1.63
CA THR J 29 -30.32 46.20 1.27
C THR J 29 -31.37 46.54 0.22
N GLN J 30 -31.50 47.82 -0.10
CA GLN J 30 -32.46 48.25 -1.10
C GLN J 30 -32.23 49.68 -1.51
N THR J 31 -32.11 49.93 -2.80
CA THR J 31 -31.91 51.30 -3.21
C THR J 31 -33.22 52.03 -2.95
N PRO J 32 -33.13 53.31 -2.56
CA PRO J 32 -34.29 54.15 -2.27
C PRO J 32 -35.15 54.39 -3.50
N VAL J 33 -36.37 54.89 -3.27
CA VAL J 33 -37.31 55.20 -4.37
C VAL J 33 -37.20 56.68 -4.79
N ILE K 5 -1.80 -23.91 11.97
CA ILE K 5 -2.26 -22.67 11.25
C ILE K 5 -1.19 -21.57 11.25
N LYS K 6 -0.65 -21.29 10.06
CA LYS K 6 0.40 -20.29 9.87
C LYS K 6 -0.16 -18.87 9.74
N LEU K 7 0.49 -17.93 10.41
CA LEU K 7 0.07 -16.54 10.35
C LEU K 7 1.22 -15.71 9.81
N GLY K 8 0.88 -14.59 9.21
CA GLY K 8 1.89 -13.72 8.65
C GLY K 8 1.29 -12.39 8.26
N MET K 9 2.15 -11.44 7.93
CA MET K 9 1.72 -10.11 7.55
C MET K 9 1.09 -10.05 6.18
N ALA K 10 0.18 -9.12 6.03
CA ALA K 10 -0.54 -8.91 4.77
C ALA K 10 0.18 -7.79 4.02
N LYS K 11 -0.26 -7.48 2.80
CA LYS K 11 0.38 -6.39 2.07
C LYS K 11 -0.02 -5.09 2.77
N ILE K 12 0.64 -3.99 2.43
CA ILE K 12 0.25 -2.72 3.06
C ILE K 12 -0.56 -2.00 1.99
N THR K 13 -1.63 -1.33 2.41
CA THR K 13 -2.48 -0.62 1.48
C THR K 13 -2.65 0.82 1.91
N GLN K 14 -2.27 1.73 1.05
CA GLN K 14 -2.40 3.13 1.39
C GLN K 14 -3.24 3.96 0.44
N VAL K 15 -3.95 4.95 0.99
CA VAL K 15 -4.79 5.86 0.20
C VAL K 15 -4.22 7.24 0.43
N ASP K 16 -3.94 7.93 -0.65
CA ASP K 16 -3.37 9.26 -0.61
C ASP K 16 -4.21 10.24 -1.41
N PHE K 17 -4.98 11.06 -0.72
CA PHE K 17 -5.81 12.09 -1.35
C PHE K 17 -5.10 13.39 -0.96
N PRO K 18 -4.15 13.86 -1.79
CA PRO K 18 -3.37 15.08 -1.53
C PRO K 18 -4.12 16.40 -1.40
N PRO K 19 -3.47 17.38 -0.75
CA PRO K 19 -4.06 18.71 -0.56
C PRO K 19 -4.18 19.39 -1.92
N ARG K 20 -5.30 20.05 -2.17
CA ARG K 20 -5.53 20.74 -3.44
C ARG K 20 -6.18 22.11 -3.19
N GLU K 21 -5.59 23.15 -3.79
CA GLU K 21 -6.15 24.50 -3.66
C GLU K 21 -7.47 24.54 -4.41
N ILE K 22 -8.56 24.77 -3.69
CA ILE K 22 -9.88 24.81 -4.30
C ILE K 22 -9.98 25.91 -5.37
N VAL K 23 -10.27 25.52 -6.61
CA VAL K 23 -10.38 26.49 -7.68
C VAL K 23 -11.73 27.19 -7.71
N THR K 24 -11.68 28.52 -7.65
CA THR K 24 -12.89 29.32 -7.69
C THR K 24 -12.79 30.31 -8.83
N TYR K 25 -13.91 30.92 -9.17
CA TYR K 25 -13.92 31.87 -10.27
C TYR K 25 -14.45 33.23 -9.90
N THR K 26 -14.07 34.22 -10.70
CA THR K 26 -14.50 35.58 -10.49
C THR K 26 -15.22 36.02 -11.73
N LYS K 27 -16.39 36.63 -11.53
CA LYS K 27 -17.24 37.09 -12.63
C LYS K 27 -17.66 38.55 -12.49
N GLU K 28 -18.05 39.14 -13.61
CA GLU K 28 -18.53 40.52 -13.61
C GLU K 28 -19.86 40.53 -14.34
N THR K 29 -20.81 41.29 -13.86
CA THR K 29 -22.09 41.36 -14.54
C THR K 29 -22.38 42.84 -14.67
N GLN K 30 -23.18 43.21 -15.66
CA GLN K 30 -23.53 44.61 -15.85
C GLN K 30 -24.91 44.74 -16.47
N THR K 31 -25.84 45.38 -15.77
CA THR K 31 -27.18 45.53 -16.35
C THR K 31 -27.06 46.44 -17.55
N PRO K 32 -27.88 46.21 -18.58
CA PRO K 32 -27.81 47.05 -19.77
C PRO K 32 -28.20 48.52 -19.56
N VAL K 33 -27.67 49.36 -20.42
CA VAL K 33 -27.94 50.79 -20.38
C VAL K 33 -27.19 51.42 -21.55
N ILE L 5 -13.29 10.26 -20.29
CA ILE L 5 -12.88 9.40 -19.14
C ILE L 5 -12.28 10.21 -17.99
N LYS L 6 -12.49 9.72 -16.78
CA LYS L 6 -11.99 10.36 -15.57
C LYS L 6 -10.82 9.54 -15.00
N LEU L 7 -9.61 10.08 -15.14
CA LEU L 7 -8.42 9.40 -14.64
C LEU L 7 -8.10 9.91 -13.26
N GLY L 8 -7.43 9.06 -12.47
CA GLY L 8 -7.05 9.44 -11.13
C GLY L 8 -6.12 8.40 -10.55
N MET L 9 -5.61 8.68 -9.36
CA MET L 9 -4.68 7.75 -8.71
C MET L 9 -5.34 6.59 -8.04
N ALA L 10 -4.65 5.46 -8.08
CA ALA L 10 -5.14 4.23 -7.47
C ALA L 10 -4.61 4.15 -6.04
N LYS L 11 -5.07 3.19 -5.26
CA LYS L 11 -4.55 3.03 -3.90
C LYS L 11 -3.08 2.58 -4.03
N ILE L 12 -2.30 2.66 -2.97
CA ILE L 12 -0.91 2.22 -3.05
C ILE L 12 -0.76 0.85 -2.41
N THR L 13 -0.07 -0.05 -3.07
CA THR L 13 0.12 -1.38 -2.52
C THR L 13 1.58 -1.63 -2.21
N GLN L 14 1.84 -2.22 -1.05
CA GLN L 14 3.21 -2.53 -0.69
C GLN L 14 3.41 -3.91 -0.10
N VAL L 15 4.52 -4.53 -0.47
CA VAL L 15 4.87 -5.85 0.01
C VAL L 15 6.19 -5.70 0.73
N ASP L 16 6.30 -6.27 1.92
CA ASP L 16 7.53 -6.18 2.69
C ASP L 16 7.94 -7.46 3.40
N PHE L 17 8.96 -8.12 2.85
CA PHE L 17 9.51 -9.34 3.43
C PHE L 17 10.75 -8.87 4.19
N PRO L 18 10.67 -8.79 5.52
CA PRO L 18 11.82 -8.33 6.30
C PRO L 18 13.01 -9.27 6.24
N PRO L 19 14.21 -8.72 6.42
CA PRO L 19 15.42 -9.56 6.39
C PRO L 19 15.40 -10.44 7.63
N ARG L 20 15.71 -11.73 7.47
CA ARG L 20 15.73 -12.67 8.59
C ARG L 20 16.95 -13.58 8.61
N GLU L 21 17.49 -13.84 9.80
CA GLU L 21 18.65 -14.72 9.96
C GLU L 21 18.08 -16.12 9.80
N ILE L 22 18.59 -16.85 8.81
CA ILE L 22 18.10 -18.19 8.56
C ILE L 22 18.36 -19.07 9.77
N VAL L 23 17.44 -19.99 10.03
CA VAL L 23 17.58 -20.88 11.17
C VAL L 23 18.10 -22.24 10.77
N THR L 24 19.29 -22.56 11.23
CA THR L 24 19.89 -23.84 10.91
C THR L 24 20.01 -24.69 12.15
N TYR L 25 20.09 -26.00 11.95
CA TYR L 25 20.23 -26.94 13.05
C TYR L 25 21.54 -27.71 12.99
N THR L 26 22.08 -27.98 14.17
CA THR L 26 23.31 -28.73 14.29
C THR L 26 23.05 -30.01 15.04
N LYS L 27 23.20 -31.15 14.37
CA LYS L 27 22.96 -32.42 15.00
C LYS L 27 24.26 -33.16 15.29
N GLU L 28 24.15 -34.17 16.13
CA GLU L 28 25.29 -34.99 16.49
C GLU L 28 24.81 -36.42 16.44
N THR L 29 25.59 -37.31 15.87
CA THR L 29 25.19 -38.71 15.82
C THR L 29 26.35 -39.52 16.32
N GLN L 30 26.05 -40.71 16.82
CA GLN L 30 27.09 -41.60 17.34
C GLN L 30 26.72 -43.06 17.15
N THR L 31 27.67 -43.83 16.64
CA THR L 31 27.42 -45.26 16.45
C THR L 31 27.63 -45.88 17.81
N PRO L 32 26.79 -46.87 18.14
CA PRO L 32 26.84 -47.59 19.41
C PRO L 32 27.96 -48.62 19.44
N VAL L 33 28.36 -49.02 20.64
CA VAL L 33 29.41 -50.00 20.79
C VAL L 33 30.57 -49.47 21.61
#